data_8GYJ
#
_entry.id   8GYJ
#
_cell.length_a   201.443
_cell.length_b   201.443
_cell.length_c   57.003
_cell.angle_alpha   90.000
_cell.angle_beta   90.000
_cell.angle_gamma   120.000
#
_symmetry.space_group_name_H-M   'P 65'
#
loop_
_entity.id
_entity.type
_entity.pdbx_description
1 polymer 'DegT/DnrJ/EryC1/StrS family aminotransferase'
2 non-polymer GLYCEROL
3 non-polymer IMIDAZOLE
4 non-polymer '(2~{S},5~{S},6~{S})-2-acetamido-6-[[2-methyl-3-oxidanyl-5-(phosphonooxymethyl)pyridin-4-yl]methylamino]-5,7-bis(oxidanyl)heptanoic acid'
5 water water
#
_entity_poly.entity_id   1
_entity_poly.type   'polypeptide(L)'
_entity_poly.pdbx_seq_one_letter_code
;MSKLAAFGGPPAVPRDRRHVEWPLVEDEDRKAVIDALDGARLVSNSDGENPVSTLEEQWAGRFGFGHCVAVSTGTAALSL
ALAALGVGPGDEVIVPALSFIATGLAPVHQMAVPVFADVDPVTFNLDPDDVERRITGRTAAIIPVHLHGAPADMDRITAI
ARRHGLAVIEDAAQAPGATHRGRPVGGIGDAGAFSLQATKNIPTCGEGGLLVTGNAELAESVRRGRQFGEVIESGRERDY
VSYGLGWNHKMNALQAAFTSAQLTRFDDYESARQRNVAAFLARLAELPGLRVPTAAPDTTHAWHILRFRFDPAAFGLDGV
RPQALRSALRRLLRAEGVPMSQYQLMPLPDQKVFVDRVGFGGGYPWTVTGATGPAAGEDHPVARAVIADSLTLQKRHLHP
ESGELLHLYADAFEKVWANPDMVATLAGAASGGHHHHHH
;
_entity_poly.pdbx_strand_id   B,A
#
# COMPACT_ATOMS: atom_id res chain seq x y z
N SER A 2 45.63 4.99 20.75
CA SER A 2 45.42 3.56 21.14
C SER A 2 45.48 2.66 19.91
N LYS A 3 45.62 1.35 20.12
CA LYS A 3 45.80 0.35 19.03
C LYS A 3 44.45 0.14 18.32
N LEU A 4 44.50 -0.20 17.04
CA LEU A 4 43.30 -0.59 16.25
C LEU A 4 42.63 -1.80 16.91
N ALA A 5 41.32 -1.75 17.09
CA ALA A 5 40.47 -2.87 17.58
C ALA A 5 40.73 -4.12 16.73
N ALA A 6 40.89 -3.96 15.41
CA ALA A 6 41.11 -5.07 14.45
C ALA A 6 42.36 -5.88 14.84
N PHE A 7 43.31 -5.26 15.54
CA PHE A 7 44.61 -5.87 15.95
C PHE A 7 44.73 -5.94 17.48
N GLY A 8 43.61 -5.85 18.20
CA GLY A 8 43.51 -6.21 19.63
C GLY A 8 43.32 -5.01 20.54
N GLY A 9 43.36 -3.79 19.99
CA GLY A 9 43.15 -2.55 20.78
C GLY A 9 41.70 -2.40 21.22
N PRO A 10 41.39 -1.39 22.06
CA PRO A 10 40.00 -1.14 22.47
C PRO A 10 39.23 -0.52 21.31
N PRO A 11 37.98 -0.93 21.04
CA PRO A 11 37.16 -0.25 20.05
C PRO A 11 36.88 1.20 20.49
N ALA A 12 36.98 2.14 19.56
CA ALA A 12 36.68 3.58 19.76
C ALA A 12 35.25 3.74 20.28
N VAL A 13 34.33 2.89 19.83
CA VAL A 13 32.89 2.92 20.22
C VAL A 13 32.60 1.71 21.13
N PRO A 14 32.56 1.89 22.46
CA PRO A 14 32.15 0.81 23.36
C PRO A 14 30.74 0.29 23.00
N ARG A 15 30.50 -1.01 23.14
CA ARG A 15 29.25 -1.68 22.71
C ARG A 15 28.03 -1.03 23.38
N ASP A 16 28.16 -0.54 24.61
CA ASP A 16 27.03 0.05 25.37
C ASP A 16 26.62 1.41 24.79
N ARG A 17 27.40 1.96 23.84
CA ARG A 17 27.12 3.27 23.19
C ARG A 17 26.57 3.09 21.77
N ARG A 18 26.57 1.87 21.24
CA ARG A 18 26.36 1.61 19.79
C ARG A 18 24.87 1.70 19.42
N HIS A 19 23.97 1.24 20.29
CA HIS A 19 22.53 1.11 19.95
C HIS A 19 21.90 2.50 19.83
N VAL A 20 21.16 2.73 18.75
CA VAL A 20 20.33 3.96 18.56
C VAL A 20 18.91 3.53 18.21
N GLU A 21 17.93 4.01 18.98
CA GLU A 21 16.48 3.82 18.77
C GLU A 21 16.04 4.76 17.63
N TRP A 22 15.48 4.23 16.55
CA TRP A 22 14.82 5.04 15.50
C TRP A 22 13.74 4.22 14.82
N PRO A 23 12.47 4.68 14.76
CA PRO A 23 12.06 5.97 15.29
C PRO A 23 12.25 6.15 16.80
N LEU A 24 12.38 7.41 17.24
CA LEU A 24 12.46 7.80 18.67
C LEU A 24 11.03 7.91 19.19
N VAL A 25 10.60 6.92 19.98
CA VAL A 25 9.20 6.80 20.48
C VAL A 25 9.15 7.43 21.88
N GLU A 26 8.35 8.48 22.03
CA GLU A 26 8.07 9.16 23.31
C GLU A 26 6.62 8.87 23.70
N ASP A 27 6.25 9.17 24.94
CA ASP A 27 4.87 9.00 25.47
C ASP A 27 3.88 9.71 24.54
N GLU A 28 4.24 10.86 23.97
CA GLU A 28 3.37 11.65 23.05
C GLU A 28 2.98 10.76 21.85
N ASP A 29 3.93 9.96 21.36
CA ASP A 29 3.74 9.03 20.21
C ASP A 29 2.79 7.90 20.63
N ARG A 30 3.03 7.32 21.81
CA ARG A 30 2.21 6.23 22.38
C ARG A 30 0.77 6.72 22.53
N LYS A 31 0.58 7.93 23.06
CA LYS A 31 -0.76 8.52 23.28
C LYS A 31 -1.45 8.79 21.94
N ALA A 32 -0.72 9.34 20.95
CA ALA A 32 -1.24 9.62 19.59
C ALA A 32 -1.80 8.32 18.99
N VAL A 33 -1.06 7.23 19.13
CA VAL A 33 -1.44 5.89 18.59
C VAL A 33 -2.69 5.39 19.34
N ILE A 34 -2.67 5.45 20.67
CA ILE A 34 -3.81 4.99 21.54
C ILE A 34 -5.05 5.82 21.19
N ASP A 35 -4.91 7.14 21.08
CA ASP A 35 -6.04 8.06 20.78
C ASP A 35 -6.62 7.73 19.40
N ALA A 36 -5.76 7.35 18.44
CA ALA A 36 -6.17 6.96 17.07
C ALA A 36 -7.00 5.67 17.14
N LEU A 37 -6.56 4.67 17.91
CA LEU A 37 -7.30 3.40 18.12
C LEU A 37 -8.70 3.71 18.69
N ASP A 38 -8.75 4.52 19.76
CA ASP A 38 -9.98 4.81 20.55
C ASP A 38 -10.89 5.79 19.80
N GLY A 39 -10.33 6.57 18.87
CA GLY A 39 -11.05 7.58 18.06
C GLY A 39 -12.07 6.96 17.12
N ALA A 40 -11.91 5.67 16.79
CA ALA A 40 -12.84 4.89 15.94
C ALA A 40 -12.93 5.48 14.53
N ARG A 41 -11.85 6.12 14.06
CA ARG A 41 -11.69 6.61 12.67
C ARG A 41 -10.33 6.13 12.16
N LEU A 42 -10.26 4.84 11.80
CA LEU A 42 -8.99 4.07 11.63
C LEU A 42 -8.52 4.11 10.17
N VAL A 43 -9.37 4.55 9.24
CA VAL A 43 -9.08 4.52 7.77
C VAL A 43 -9.17 5.93 7.19
N SER A 44 -8.48 6.16 6.07
CA SER A 44 -8.45 7.45 5.31
C SER A 44 -9.88 7.90 4.97
N ASN A 45 -10.76 6.96 4.61
CA ASN A 45 -12.13 7.22 4.09
C ASN A 45 -13.12 7.44 5.24
N SER A 46 -12.69 7.36 6.51
CA SER A 46 -13.53 7.64 7.70
C SER A 46 -14.11 9.06 7.60
N ASP A 47 -15.43 9.19 7.71
CA ASP A 47 -16.17 10.48 7.56
C ASP A 47 -15.84 11.40 8.74
N GLY A 48 -15.77 12.71 8.49
CA GLY A 48 -15.42 13.73 9.49
C GLY A 48 -13.91 13.88 9.64
N GLU A 49 -13.48 14.80 10.52
CA GLU A 49 -12.06 14.98 10.95
C GLU A 49 -11.46 13.61 11.30
N ASN A 50 -10.26 13.31 10.80
CA ASN A 50 -9.53 12.06 11.11
C ASN A 50 -8.03 12.32 11.04
N PRO A 51 -7.21 11.45 11.68
CA PRO A 51 -5.75 11.67 11.73
C PRO A 51 -5.07 11.82 10.37
N VAL A 52 -5.63 11.20 9.33
CA VAL A 52 -5.04 11.25 7.95
C VAL A 52 -5.16 12.69 7.42
N SER A 53 -6.37 13.25 7.42
CA SER A 53 -6.62 14.64 6.94
C SER A 53 -5.88 15.63 7.86
N THR A 54 -5.78 15.36 9.15
CA THR A 54 -5.05 16.21 10.12
C THR A 54 -3.56 16.26 9.74
N LEU A 55 -2.94 15.11 9.44
CA LEU A 55 -1.51 15.06 9.02
C LEU A 55 -1.33 15.85 7.71
N GLU A 56 -2.24 15.66 6.74
CA GLU A 56 -2.21 16.37 5.43
C GLU A 56 -2.14 17.88 5.67
N GLU A 57 -3.02 18.41 6.52
CA GLU A 57 -3.10 19.86 6.85
C GLU A 57 -1.80 20.30 7.52
N GLN A 58 -1.32 19.54 8.51
CA GLN A 58 -0.12 19.90 9.31
C GLN A 58 1.13 19.88 8.43
N TRP A 59 1.28 18.87 7.58
CA TRP A 59 2.44 18.74 6.65
C TRP A 59 2.43 19.92 5.66
N ALA A 60 1.29 20.15 5.02
CA ALA A 60 1.09 21.28 4.07
C ALA A 60 1.45 22.60 4.78
N GLY A 61 0.98 22.77 6.01
CA GLY A 61 1.20 23.99 6.82
C GLY A 61 2.67 24.19 7.15
N ARG A 62 3.35 23.17 7.65
CA ARG A 62 4.78 23.26 8.04
C ARG A 62 5.63 23.62 6.82
N PHE A 63 5.40 22.98 5.67
CA PHE A 63 6.31 23.06 4.51
C PHE A 63 5.77 23.99 3.41
N GLY A 64 4.63 24.65 3.65
CA GLY A 64 4.08 25.72 2.79
C GLY A 64 3.53 25.20 1.47
N PHE A 65 3.02 23.96 1.43
CA PHE A 65 2.47 23.33 0.20
C PHE A 65 0.98 23.67 0.08
N GLY A 66 0.51 23.91 -1.15
CA GLY A 66 -0.91 24.17 -1.43
C GLY A 66 -1.77 22.97 -1.08
N HIS A 67 -1.26 21.77 -1.33
CA HIS A 67 -2.04 20.51 -1.19
C HIS A 67 -1.10 19.39 -0.69
N CYS A 68 -1.62 18.56 0.19
CA CYS A 68 -0.95 17.32 0.67
C CYS A 68 -1.96 16.18 0.65
N VAL A 69 -1.62 15.10 -0.04
CA VAL A 69 -2.46 13.86 -0.11
C VAL A 69 -1.67 12.73 0.53
N ALA A 70 -2.16 12.23 1.66
CA ALA A 70 -1.56 11.12 2.42
C ALA A 70 -1.88 9.81 1.68
N VAL A 71 -0.88 8.96 1.51
CA VAL A 71 -1.01 7.67 0.77
C VAL A 71 -0.23 6.59 1.54
N SER A 72 -0.29 5.36 1.03
CA SER A 72 0.20 4.14 1.71
C SER A 72 1.73 4.20 1.88
N THR A 73 2.44 4.66 0.84
CA THR A 73 3.91 4.53 0.73
C THR A 73 4.48 5.66 -0.12
N GLY A 74 5.78 5.93 0.01
CA GLY A 74 6.53 6.84 -0.86
C GLY A 74 6.45 6.39 -2.31
N THR A 75 6.45 5.07 -2.54
CA THR A 75 6.37 4.47 -3.90
C THR A 75 5.02 4.84 -4.54
N ALA A 76 3.93 4.68 -3.80
CA ALA A 76 2.56 5.03 -4.25
C ALA A 76 2.48 6.53 -4.54
N ALA A 77 3.11 7.37 -3.72
CA ALA A 77 3.15 8.84 -3.95
C ALA A 77 3.74 9.11 -5.34
N LEU A 78 4.84 8.43 -5.68
CA LEU A 78 5.55 8.62 -6.98
C LEU A 78 4.65 8.15 -8.14
N SER A 79 4.11 6.92 -8.06
CA SER A 79 3.31 6.32 -9.15
C SER A 79 2.01 7.10 -9.34
N LEU A 80 1.36 7.51 -8.25
CA LEU A 80 0.11 8.33 -8.32
C LEU A 80 0.42 9.71 -8.93
N ALA A 81 1.58 10.30 -8.62
CA ALA A 81 2.01 11.61 -9.18
C ALA A 81 2.12 11.47 -10.70
N LEU A 82 2.75 10.38 -11.17
CA LEU A 82 2.91 10.10 -12.63
C LEU A 82 1.53 9.95 -13.28
N ALA A 83 0.62 9.18 -12.68
CA ALA A 83 -0.76 8.97 -13.18
C ALA A 83 -1.47 10.33 -13.29
N ALA A 84 -1.38 11.16 -12.24
CA ALA A 84 -2.04 12.48 -12.16
C ALA A 84 -1.53 13.41 -13.27
N LEU A 85 -0.26 13.26 -13.67
CA LEU A 85 0.40 14.15 -14.68
C LEU A 85 0.27 13.54 -16.09
N GLY A 86 -0.54 12.48 -16.23
CA GLY A 86 -0.87 11.87 -17.54
C GLY A 86 0.27 11.06 -18.10
N VAL A 87 1.25 10.66 -17.27
CA VAL A 87 2.38 9.80 -17.71
C VAL A 87 1.87 8.35 -17.71
N GLY A 88 2.17 7.60 -18.77
CA GLY A 88 1.66 6.22 -18.93
C GLY A 88 2.25 5.52 -20.15
N PRO A 89 1.54 4.51 -20.68
CA PRO A 89 2.02 3.74 -21.83
C PRO A 89 2.56 4.62 -22.96
N GLY A 90 3.77 4.32 -23.42
CA GLY A 90 4.43 5.01 -24.55
C GLY A 90 5.28 6.19 -24.08
N ASP A 91 5.29 6.48 -22.78
CA ASP A 91 6.06 7.61 -22.19
C ASP A 91 7.35 7.08 -21.58
N GLU A 92 8.37 7.93 -21.56
CA GLU A 92 9.64 7.68 -20.84
C GLU A 92 9.75 8.66 -19.67
N VAL A 93 10.34 8.21 -18.58
CA VAL A 93 10.59 9.04 -17.35
C VAL A 93 12.08 8.92 -17.03
N ILE A 94 12.78 10.05 -17.02
CA ILE A 94 14.23 10.09 -16.69
C ILE A 94 14.37 10.08 -15.17
N VAL A 95 15.16 9.14 -14.65
CA VAL A 95 15.43 8.96 -13.20
C VAL A 95 16.93 8.77 -13.04
N PRO A 96 17.48 8.98 -11.83
CA PRO A 96 18.91 8.77 -11.59
C PRO A 96 19.28 7.28 -11.58
N ALA A 97 20.50 6.98 -12.02
CA ALA A 97 21.06 5.61 -12.06
C ALA A 97 21.45 5.16 -10.65
N LEU A 98 21.62 6.10 -9.71
CA LEU A 98 21.84 5.82 -8.28
C LEU A 98 20.65 6.35 -7.49
N SER A 99 19.87 5.45 -6.90
CA SER A 99 18.74 5.77 -6.01
C SER A 99 18.27 4.49 -5.33
N PHE A 100 17.30 4.61 -4.43
CA PHE A 100 16.46 3.46 -4.00
C PHE A 100 15.64 3.02 -5.21
N ILE A 101 15.44 1.71 -5.35
CA ILE A 101 14.83 1.07 -6.56
C ILE A 101 13.43 1.66 -6.84
N ALA A 102 12.70 2.14 -5.82
CA ALA A 102 11.34 2.69 -5.97
C ALA A 102 11.31 3.80 -7.02
N THR A 103 12.37 4.61 -7.10
CA THR A 103 12.46 5.74 -8.08
C THR A 103 12.38 5.18 -9.50
N GLY A 104 13.09 4.08 -9.78
CA GLY A 104 13.09 3.40 -11.09
C GLY A 104 11.81 2.61 -11.33
N LEU A 105 11.21 2.05 -10.27
CA LEU A 105 9.99 1.19 -10.39
C LEU A 105 8.74 2.05 -10.62
N ALA A 106 8.66 3.25 -10.07
CA ALA A 106 7.44 4.09 -10.12
C ALA A 106 6.97 4.26 -11.57
N PRO A 107 7.84 4.59 -12.55
CA PRO A 107 7.42 4.66 -13.95
C PRO A 107 6.82 3.33 -14.45
N VAL A 108 7.46 2.21 -14.13
CA VAL A 108 6.97 0.85 -14.53
C VAL A 108 5.58 0.64 -13.93
N HIS A 109 5.39 1.04 -12.67
CA HIS A 109 4.09 0.88 -11.94
C HIS A 109 2.97 1.61 -12.67
N GLN A 110 3.30 2.66 -13.43
CA GLN A 110 2.32 3.47 -14.20
C GLN A 110 2.45 3.13 -15.69
N MET A 111 3.09 2.00 -16.02
CA MET A 111 3.19 1.44 -17.40
C MET A 111 3.98 2.37 -18.33
N ALA A 112 4.92 3.13 -17.76
CA ALA A 112 5.89 3.98 -18.49
C ALA A 112 7.28 3.36 -18.38
N VAL A 113 8.22 3.80 -19.21
CA VAL A 113 9.60 3.24 -19.28
C VAL A 113 10.54 4.15 -18.50
N PRO A 114 11.27 3.62 -17.50
CA PRO A 114 12.30 4.39 -16.81
C PRO A 114 13.54 4.48 -17.70
N VAL A 115 14.11 5.68 -17.81
CA VAL A 115 15.37 5.96 -18.54
C VAL A 115 16.37 6.51 -17.53
N PHE A 116 17.51 5.85 -17.36
CA PHE A 116 18.47 6.18 -16.28
C PHE A 116 19.53 7.17 -16.78
N ALA A 117 19.67 8.27 -16.06
CA ALA A 117 20.73 9.30 -16.26
C ALA A 117 21.78 9.13 -15.16
N ASP A 118 23.05 9.36 -15.49
CA ASP A 118 24.17 9.19 -14.53
C ASP A 118 24.06 10.30 -13.48
N VAL A 119 24.80 10.14 -12.38
CA VAL A 119 24.78 11.09 -11.24
C VAL A 119 26.09 11.88 -11.23
N ASP A 120 26.09 12.93 -10.44
CA ASP A 120 27.25 13.83 -10.20
C ASP A 120 28.18 13.13 -9.21
N PRO A 121 29.52 13.17 -9.41
CA PRO A 121 30.46 12.45 -8.55
C PRO A 121 30.55 12.98 -7.11
N VAL A 122 30.04 14.18 -6.85
CA VAL A 122 30.12 14.86 -5.53
C VAL A 122 28.72 14.88 -4.88
N THR A 123 27.70 15.27 -5.63
CA THR A 123 26.32 15.45 -5.10
C THR A 123 25.59 14.09 -5.03
N PHE A 124 25.98 13.13 -5.88
CA PHE A 124 25.33 11.79 -6.02
C PHE A 124 23.92 11.93 -6.59
N ASN A 125 23.57 13.11 -7.13
CA ASN A 125 22.23 13.40 -7.67
C ASN A 125 22.31 13.39 -9.19
N LEU A 126 21.16 13.26 -9.85
CA LEU A 126 21.13 13.09 -11.33
C LEU A 126 21.78 14.31 -11.98
N ASP A 127 22.75 14.06 -12.85
CA ASP A 127 23.59 15.10 -13.50
C ASP A 127 22.79 15.70 -14.64
N PRO A 128 22.41 17.00 -14.57
CA PRO A 128 21.64 17.61 -15.66
C PRO A 128 22.34 17.50 -17.02
N ASP A 129 23.68 17.44 -17.03
CA ASP A 129 24.48 17.22 -18.27
C ASP A 129 24.10 15.89 -18.91
N ASP A 130 23.79 14.86 -18.12
CA ASP A 130 23.47 13.51 -18.64
C ASP A 130 21.97 13.38 -18.91
N VAL A 131 21.12 14.20 -18.29
CA VAL A 131 19.64 14.20 -18.48
C VAL A 131 19.36 14.63 -19.93
N GLU A 132 19.93 15.76 -20.34
CA GLU A 132 19.74 16.38 -21.67
C GLU A 132 20.00 15.34 -22.77
N ARG A 133 21.06 14.54 -22.61
CA ARG A 133 21.51 13.50 -23.59
C ARG A 133 20.38 12.47 -23.83
N ARG A 134 19.59 12.16 -22.80
CA ARG A 134 18.71 10.96 -22.77
C ARG A 134 17.25 11.31 -23.05
N ILE A 135 16.94 12.59 -23.25
CA ILE A 135 15.59 13.03 -23.69
C ILE A 135 15.38 12.51 -25.11
N THR A 136 14.19 11.95 -25.35
CA THR A 136 13.71 11.48 -26.68
C THR A 136 12.33 12.07 -26.93
N GLY A 137 11.74 11.76 -28.09
CA GLY A 137 10.35 12.13 -28.40
C GLY A 137 9.35 11.52 -27.42
N ARG A 138 9.73 10.49 -26.67
CA ARG A 138 8.82 9.75 -25.73
C ARG A 138 8.93 10.31 -24.30
N THR A 139 9.97 11.07 -23.96
CA THR A 139 10.16 11.59 -22.57
C THR A 139 8.93 12.43 -22.18
N ALA A 140 8.35 12.17 -21.01
CA ALA A 140 7.18 12.90 -20.48
C ALA A 140 7.52 13.59 -19.15
N ALA A 141 8.52 13.09 -18.42
CA ALA A 141 8.77 13.53 -17.02
C ALA A 141 10.21 13.22 -16.59
N ILE A 142 10.66 13.96 -15.58
CA ILE A 142 11.93 13.72 -14.86
C ILE A 142 11.59 13.53 -13.39
N ILE A 143 12.19 12.54 -12.74
CA ILE A 143 12.11 12.37 -11.26
C ILE A 143 13.50 12.63 -10.70
N PRO A 144 13.85 13.89 -10.39
CA PRO A 144 15.04 14.16 -9.61
C PRO A 144 14.85 13.57 -8.21
N VAL A 145 15.89 12.94 -7.68
CA VAL A 145 15.92 12.45 -6.27
C VAL A 145 16.80 13.40 -5.47
N HIS A 146 16.35 13.80 -4.29
CA HIS A 146 17.19 14.52 -3.29
C HIS A 146 17.92 13.45 -2.49
N LEU A 147 18.87 12.75 -3.12
CA LEU A 147 19.42 11.48 -2.57
C LEU A 147 20.23 11.79 -1.30
N HIS A 148 20.07 10.95 -0.28
CA HIS A 148 20.77 11.02 1.03
C HIS A 148 20.34 12.25 1.83
N GLY A 149 19.48 13.11 1.29
CA GLY A 149 19.07 14.37 1.94
C GLY A 149 19.61 15.62 1.24
N ALA A 150 20.38 15.47 0.16
CA ALA A 150 20.92 16.60 -0.64
C ALA A 150 19.94 16.96 -1.75
N PRO A 151 19.33 18.16 -1.73
CA PRO A 151 18.54 18.62 -2.87
C PRO A 151 19.34 18.57 -4.17
N ALA A 152 18.72 18.05 -5.22
CA ALA A 152 19.24 17.96 -6.59
C ALA A 152 19.36 19.37 -7.17
N ASP A 153 19.99 19.48 -8.34
CA ASP A 153 20.19 20.78 -9.04
C ASP A 153 18.85 21.18 -9.66
N MET A 154 17.95 21.73 -8.85
CA MET A 154 16.56 22.02 -9.28
C MET A 154 16.54 23.18 -10.29
N ASP A 155 17.49 24.11 -10.23
CA ASP A 155 17.67 25.15 -11.28
C ASP A 155 17.68 24.48 -12.66
N ARG A 156 18.60 23.55 -12.87
CA ARG A 156 18.86 22.93 -14.19
C ARG A 156 17.81 21.86 -14.50
N ILE A 157 17.33 21.10 -13.51
CA ILE A 157 16.31 20.05 -13.73
C ILE A 157 14.98 20.71 -14.15
N THR A 158 14.54 21.77 -13.46
CA THR A 158 13.28 22.48 -13.82
CA THR A 158 13.30 22.53 -13.80
C THR A 158 13.48 23.20 -15.16
N ALA A 159 14.65 23.78 -15.39
CA ALA A 159 14.98 24.47 -16.67
C ALA A 159 14.89 23.47 -17.82
N ILE A 160 15.53 22.30 -17.70
CA ILE A 160 15.49 21.23 -18.74
C ILE A 160 14.03 20.84 -18.99
N ALA A 161 13.27 20.55 -17.92
CA ALA A 161 11.86 20.11 -18.02
C ALA A 161 11.05 21.16 -18.79
N ARG A 162 11.14 22.42 -18.39
CA ARG A 162 10.31 23.50 -18.99
C ARG A 162 10.78 23.79 -20.42
N ARG A 163 12.08 23.68 -20.70
CA ARG A 163 12.61 23.85 -22.08
C ARG A 163 12.05 22.75 -23.01
N HIS A 164 11.76 21.57 -22.48
CA HIS A 164 11.35 20.37 -23.26
C HIS A 164 9.87 20.03 -23.06
N GLY A 165 9.13 20.78 -22.23
CA GLY A 165 7.71 20.55 -21.94
C GLY A 165 7.48 19.26 -21.16
N LEU A 166 8.37 18.96 -20.20
CA LEU A 166 8.30 17.74 -19.35
C LEU A 166 7.73 18.11 -17.98
N ALA A 167 7.10 17.14 -17.31
CA ALA A 167 6.70 17.24 -15.90
C ALA A 167 7.91 16.95 -15.01
N VAL A 168 7.91 17.51 -13.80
CA VAL A 168 8.95 17.23 -12.77
C VAL A 168 8.24 16.71 -11.51
N ILE A 169 8.60 15.50 -11.08
CA ILE A 169 8.16 14.93 -9.78
CA ILE A 169 8.16 14.92 -9.78
C ILE A 169 9.40 14.79 -8.90
N GLU A 170 9.44 15.53 -7.79
CA GLU A 170 10.57 15.42 -6.84
C GLU A 170 10.38 14.16 -6.00
N ASP A 171 11.37 13.28 -6.00
CA ASP A 171 11.48 12.20 -4.99
C ASP A 171 12.24 12.78 -3.79
N ALA A 172 11.49 13.32 -2.82
CA ALA A 172 12.02 14.02 -1.63
C ALA A 172 12.00 13.09 -0.42
N ALA A 173 11.87 11.77 -0.62
CA ALA A 173 11.74 10.77 0.47
C ALA A 173 12.88 10.94 1.49
N GLN A 174 14.09 11.24 1.03
CA GLN A 174 15.30 11.25 1.88
C GLN A 174 15.65 12.67 2.33
N ALA A 175 14.83 13.69 2.04
CA ALA A 175 15.21 15.10 2.24
C ALA A 175 14.10 15.96 2.85
N PRO A 176 13.27 15.48 3.80
CA PRO A 176 12.25 16.34 4.38
C PRO A 176 12.92 17.51 5.13
N GLY A 177 12.39 18.72 4.96
CA GLY A 177 12.91 19.94 5.62
C GLY A 177 14.06 20.59 4.88
N ALA A 178 14.66 19.92 3.89
CA ALA A 178 15.76 20.49 3.07
C ALA A 178 15.18 21.59 2.19
N THR A 179 15.98 22.60 1.85
CA THR A 179 15.52 23.73 1.00
C THR A 179 16.44 23.86 -0.21
N HIS A 180 15.88 24.39 -1.28
CA HIS A 180 16.59 24.81 -2.51
C HIS A 180 16.17 26.25 -2.80
N ARG A 181 17.13 27.18 -2.75
CA ARG A 181 16.87 28.65 -2.83
C ARG A 181 15.76 29.02 -1.83
N GLY A 182 15.82 28.44 -0.62
CA GLY A 182 14.93 28.77 0.51
C GLY A 182 13.53 28.21 0.35
N ARG A 183 13.33 27.33 -0.65
CA ARG A 183 12.03 26.67 -0.93
C ARG A 183 12.09 25.24 -0.40
N PRO A 184 11.13 24.83 0.44
CA PRO A 184 11.03 23.44 0.88
C PRO A 184 11.02 22.48 -0.31
N VAL A 185 11.89 21.47 -0.31
CA VAL A 185 11.89 20.42 -1.37
C VAL A 185 10.52 19.74 -1.36
N GLY A 186 10.06 19.32 -2.54
CA GLY A 186 8.73 18.72 -2.78
C GLY A 186 7.78 19.72 -3.42
N GLY A 187 7.99 21.01 -3.19
CA GLY A 187 7.08 22.08 -3.67
C GLY A 187 7.59 22.77 -4.93
N ILE A 188 8.72 22.33 -5.48
CA ILE A 188 9.41 22.98 -6.64
C ILE A 188 8.96 22.34 -7.95
N GLY A 189 8.91 21.00 -8.00
CA GLY A 189 8.35 20.26 -9.14
C GLY A 189 6.85 20.44 -9.24
N ASP A 190 6.24 19.84 -10.26
CA ASP A 190 4.76 19.75 -10.43
C ASP A 190 4.16 19.07 -9.19
N ALA A 191 4.87 18.09 -8.65
CA ALA A 191 4.50 17.36 -7.42
C ALA A 191 5.76 16.85 -6.72
N GLY A 192 5.63 16.52 -5.44
CA GLY A 192 6.72 15.98 -4.60
C GLY A 192 6.25 14.78 -3.81
N ALA A 193 7.06 13.73 -3.74
CA ALA A 193 6.77 12.49 -2.99
C ALA A 193 7.67 12.45 -1.74
N PHE A 194 7.08 12.06 -0.61
CA PHE A 194 7.78 11.74 0.65
C PHE A 194 7.43 10.32 1.08
N SER A 195 8.39 9.63 1.68
CA SER A 195 8.20 8.36 2.41
C SER A 195 8.20 8.65 3.92
N LEU A 196 7.26 8.06 4.64
CA LEU A 196 7.21 8.10 6.12
C LEU A 196 7.64 6.73 6.67
N GLN A 197 8.28 5.89 5.85
CA GLN A 197 8.78 4.57 6.27
C GLN A 197 9.65 4.77 7.52
N ALA A 198 9.67 3.77 8.42
CA ALA A 198 10.20 3.84 9.80
C ALA A 198 11.67 4.30 9.84
N THR A 199 12.43 4.18 8.75
CA THR A 199 13.87 4.56 8.70
C THR A 199 14.04 6.06 8.38
N LYS A 200 12.98 6.76 7.99
CA LYS A 200 13.06 8.13 7.42
C LYS A 200 13.22 9.19 8.50
N ASN A 201 13.58 10.41 8.08
CA ASN A 201 13.94 11.54 8.97
C ASN A 201 12.71 11.99 9.76
N ILE A 202 11.52 11.98 9.15
CA ILE A 202 10.22 12.14 9.85
C ILE A 202 9.44 10.86 9.66
N PRO A 203 9.66 9.84 10.52
CA PRO A 203 9.10 8.50 10.29
C PRO A 203 7.68 8.34 10.80
N THR A 204 6.99 7.31 10.30
CA THR A 204 5.79 6.72 10.94
C THR A 204 6.20 5.37 11.56
N CYS A 205 5.32 4.81 12.39
CA CYS A 205 5.51 3.48 13.02
C CYS A 205 5.12 2.41 11.99
N GLY A 206 5.91 2.31 10.91
CA GLY A 206 5.69 1.38 9.80
C GLY A 206 5.83 2.06 8.45
N GLU A 207 4.78 2.01 7.63
CA GLU A 207 4.76 2.49 6.23
C GLU A 207 3.87 3.73 6.12
N GLY A 208 4.21 4.64 5.21
CA GLY A 208 3.42 5.85 4.93
C GLY A 208 4.02 6.63 3.78
N GLY A 209 3.20 7.42 3.10
CA GLY A 209 3.65 8.31 2.01
C GLY A 209 2.85 9.58 1.98
N LEU A 210 3.43 10.63 1.41
CA LEU A 210 2.75 11.93 1.20
C LEU A 210 3.08 12.41 -0.22
N LEU A 211 2.05 12.85 -0.93
CA LEU A 211 2.15 13.55 -2.23
C LEU A 211 1.81 15.01 -1.97
N VAL A 212 2.69 15.93 -2.36
CA VAL A 212 2.44 17.39 -2.21
C VAL A 212 2.47 18.00 -3.62
N THR A 213 1.72 19.08 -3.81
CA THR A 213 1.61 19.81 -5.09
C THR A 213 0.96 21.17 -4.83
N GLY A 214 1.22 22.13 -5.73
CA GLY A 214 0.49 23.42 -5.78
C GLY A 214 -0.75 23.32 -6.65
N ASN A 215 -0.93 22.23 -7.39
CA ASN A 215 -2.01 22.07 -8.40
C ASN A 215 -3.18 21.28 -7.79
N ALA A 216 -4.33 21.94 -7.65
CA ALA A 216 -5.57 21.37 -7.04
C ALA A 216 -6.04 20.14 -7.83
N GLU A 217 -6.03 20.21 -9.16
CA GLU A 217 -6.50 19.13 -10.06
C GLU A 217 -5.60 17.89 -9.87
N LEU A 218 -4.28 18.10 -9.78
CA LEU A 218 -3.28 17.03 -9.54
C LEU A 218 -3.57 16.37 -8.19
N ALA A 219 -3.75 17.17 -7.13
CA ALA A 219 -4.10 16.68 -5.78
C ALA A 219 -5.36 15.83 -5.84
N GLU A 220 -6.41 16.30 -6.53
CA GLU A 220 -7.71 15.60 -6.62
C GLU A 220 -7.52 14.24 -7.33
N SER A 221 -6.72 14.21 -8.39
CA SER A 221 -6.39 12.96 -9.14
CA SER A 221 -6.41 12.95 -9.13
C SER A 221 -5.76 11.94 -8.18
N VAL A 222 -4.77 12.38 -7.39
CA VAL A 222 -4.05 11.49 -6.44
C VAL A 222 -5.04 10.99 -5.36
N ARG A 223 -5.91 11.89 -4.89
N ARG A 223 -5.91 11.88 -4.87
CA ARG A 223 -6.97 11.62 -3.88
CA ARG A 223 -6.94 11.54 -3.86
C ARG A 223 -7.88 10.49 -4.36
C ARG A 223 -7.85 10.42 -4.38
N ARG A 224 -8.30 10.52 -5.64
CA ARG A 224 -9.13 9.46 -6.29
CA ARG A 224 -9.14 9.46 -6.26
C ARG A 224 -8.30 8.19 -6.47
N GLY A 225 -7.08 8.34 -7.00
CA GLY A 225 -6.15 7.24 -7.32
C GLY A 225 -5.86 6.36 -6.12
N ARG A 226 -5.79 6.93 -4.92
CA ARG A 226 -5.38 6.21 -3.69
C ARG A 226 -6.53 5.36 -3.15
N GLN A 227 -7.76 5.54 -3.65
CA GLN A 227 -8.98 4.93 -3.07
C GLN A 227 -9.90 4.47 -4.21
N PHE A 228 -9.37 3.65 -5.12
CA PHE A 228 -10.13 2.86 -6.13
C PHE A 228 -10.81 3.79 -7.14
N GLY A 229 -10.33 5.03 -7.27
CA GLY A 229 -10.85 6.04 -8.22
C GLY A 229 -12.07 6.77 -7.70
N GLU A 230 -12.39 6.62 -6.41
CA GLU A 230 -13.62 7.19 -5.81
C GLU A 230 -13.35 8.60 -5.27
N VAL A 231 -14.36 9.47 -5.35
CA VAL A 231 -14.41 10.78 -4.63
C VAL A 231 -14.96 10.49 -3.23
N ILE A 232 -14.16 10.79 -2.20
CA ILE A 232 -14.55 10.68 -0.76
C ILE A 232 -14.24 12.02 -0.11
N GLU A 233 -15.28 12.79 0.21
CA GLU A 233 -15.20 14.15 0.82
C GLU A 233 -15.99 14.16 2.13
N SER A 234 -15.35 14.58 3.22
CA SER A 234 -15.97 14.76 4.57
C SER A 234 -17.22 15.66 4.44
N GLY A 235 -18.39 15.13 4.82
CA GLY A 235 -19.67 15.87 4.80
C GLY A 235 -20.42 15.71 3.48
N ARG A 236 -19.69 15.61 2.36
CA ARG A 236 -20.26 15.50 0.98
C ARG A 236 -20.82 14.09 0.76
N GLU A 237 -21.90 13.98 -0.02
CA GLU A 237 -22.61 12.71 -0.33
C GLU A 237 -21.78 11.93 -1.36
N ARG A 238 -21.46 10.66 -1.05
CA ARG A 238 -20.67 9.76 -1.93
C ARG A 238 -21.58 9.14 -3.00
N ASP A 239 -21.05 8.92 -4.20
CA ASP A 239 -21.77 8.33 -5.37
C ASP A 239 -21.22 6.92 -5.66
N TYR A 240 -20.19 6.48 -4.94
CA TYR A 240 -19.58 5.12 -5.02
C TYR A 240 -19.18 4.79 -6.47
N VAL A 241 -18.97 5.83 -7.27
CA VAL A 241 -18.48 5.75 -8.68
C VAL A 241 -16.95 5.71 -8.66
N SER A 242 -16.35 4.80 -9.43
CA SER A 242 -14.90 4.78 -9.75
C SER A 242 -14.69 5.49 -11.09
N TYR A 243 -14.15 6.71 -11.04
CA TYR A 243 -14.07 7.66 -12.19
C TYR A 243 -12.89 7.29 -13.10
N GLY A 244 -11.99 6.43 -12.63
CA GLY A 244 -10.84 5.96 -13.40
C GLY A 244 -10.02 4.96 -12.62
N LEU A 245 -8.87 4.57 -13.15
CA LEU A 245 -7.98 3.55 -12.54
C LEU A 245 -7.52 4.06 -11.18
N GLY A 246 -7.83 3.29 -10.13
CA GLY A 246 -7.38 3.55 -8.75
C GLY A 246 -6.87 2.29 -8.11
N TRP A 247 -6.21 2.44 -6.95
CA TRP A 247 -5.61 1.36 -6.16
C TRP A 247 -6.11 1.49 -4.72
N ASN A 248 -5.70 0.56 -3.85
CA ASN A 248 -5.75 0.78 -2.39
C ASN A 248 -4.38 1.31 -1.96
N HIS A 249 -4.21 2.63 -2.04
CA HIS A 249 -2.99 3.34 -1.56
C HIS A 249 -3.38 4.24 -0.38
N LYS A 250 -4.32 3.80 0.46
CA LYS A 250 -4.79 4.60 1.62
C LYS A 250 -3.77 4.49 2.74
N MET A 251 -3.47 5.62 3.40
CA MET A 251 -2.63 5.65 4.63
C MET A 251 -3.49 5.16 5.79
N ASN A 252 -2.85 4.51 6.77
CA ASN A 252 -3.45 4.11 8.06
C ASN A 252 -3.54 5.34 8.99
N ALA A 253 -4.69 5.52 9.65
CA ALA A 253 -4.95 6.61 10.63
C ALA A 253 -3.92 6.56 11.77
N LEU A 254 -3.61 5.36 12.28
CA LEU A 254 -2.67 5.21 13.42
CA LEU A 254 -2.66 5.18 13.41
C LEU A 254 -1.30 5.76 13.02
N GLN A 255 -0.81 5.37 11.84
CA GLN A 255 0.49 5.83 11.30
C GLN A 255 0.45 7.35 11.11
N ALA A 256 -0.65 7.90 10.62
CA ALA A 256 -0.84 9.37 10.42
C ALA A 256 -0.69 10.09 11.76
N ALA A 257 -1.39 9.63 12.79
CA ALA A 257 -1.37 10.21 14.16
C ALA A 257 0.05 10.18 14.71
N PHE A 258 0.77 9.06 14.53
CA PHE A 258 2.17 8.91 14.98
C PHE A 258 3.04 9.97 14.30
N THR A 259 2.91 10.15 12.98
CA THR A 259 3.75 11.10 12.22
C THR A 259 3.40 12.53 12.64
N SER A 260 2.14 12.83 12.91
CA SER A 260 1.70 14.15 13.43
C SER A 260 2.49 14.47 14.71
N ALA A 261 2.62 13.51 15.64
CA ALA A 261 3.38 13.65 16.90
C ALA A 261 4.86 13.90 16.58
N GLN A 262 5.45 13.10 15.69
CA GLN A 262 6.86 13.26 15.24
C GLN A 262 7.07 14.65 14.64
N LEU A 263 6.12 15.13 13.84
CA LEU A 263 6.23 16.43 13.11
C LEU A 263 6.31 17.59 14.12
N THR A 264 5.63 17.48 15.26
CA THR A 264 5.61 18.56 16.29
CA THR A 264 5.60 18.55 16.29
C THR A 264 7.02 18.77 16.84
N ARG A 265 7.85 17.71 16.87
CA ARG A 265 9.25 17.77 17.41
C ARG A 265 10.28 17.86 16.28
N PHE A 266 9.87 17.81 15.02
CA PHE A 266 10.78 17.65 13.85
C PHE A 266 11.96 18.64 13.94
N ASP A 267 11.67 19.93 14.12
CA ASP A 267 12.70 21.00 13.99
C ASP A 267 13.59 21.01 15.23
N ASP A 268 13.09 20.55 16.38
CA ASP A 268 13.94 20.33 17.58
C ASP A 268 14.97 19.23 17.25
N TYR A 269 14.53 18.13 16.65
CA TYR A 269 15.42 17.01 16.24
C TYR A 269 16.38 17.49 15.14
N GLU A 270 15.85 18.24 14.15
CA GLU A 270 16.65 18.84 13.04
C GLU A 270 17.84 19.62 13.61
N SER A 271 17.57 20.49 14.59
N SER A 271 17.57 20.50 14.59
CA SER A 271 18.58 21.36 15.25
CA SER A 271 18.59 21.36 15.26
C SER A 271 19.72 20.49 15.80
C SER A 271 19.72 20.49 15.79
N ALA A 272 19.39 19.44 16.54
CA ALA A 272 20.37 18.49 17.13
C ALA A 272 21.14 17.77 16.02
N ARG A 273 20.44 17.16 15.06
CA ARG A 273 21.06 16.40 13.93
C ARG A 273 22.06 17.29 13.20
N GLN A 274 21.65 18.50 12.86
CA GLN A 274 22.43 19.42 11.99
C GLN A 274 23.71 19.81 12.73
N ARG A 275 23.63 20.10 14.03
CA ARG A 275 24.82 20.40 14.88
C ARG A 275 25.72 19.15 14.93
N ASN A 276 25.15 17.99 15.25
CA ASN A 276 25.91 16.73 15.47
C ASN A 276 26.62 16.34 14.18
N VAL A 277 25.92 16.31 13.05
CA VAL A 277 26.50 15.89 11.74
C VAL A 277 27.58 16.89 11.33
N ALA A 278 27.32 18.20 11.44
CA ALA A 278 28.29 19.24 11.07
C ALA A 278 29.61 19.00 11.83
N ALA A 279 29.54 18.78 13.14
CA ALA A 279 30.71 18.58 14.03
C ALA A 279 31.47 17.32 13.59
N PHE A 280 30.74 16.24 13.29
CA PHE A 280 31.26 14.93 12.83
C PHE A 280 32.00 15.11 11.50
N LEU A 281 31.36 15.73 10.51
CA LEU A 281 31.94 15.92 9.14
C LEU A 281 33.16 16.85 9.20
N ALA A 282 33.15 17.86 10.07
CA ALA A 282 34.29 18.81 10.25
C ALA A 282 35.55 18.02 10.65
N ARG A 283 35.41 17.02 11.53
CA ARG A 283 36.56 16.17 11.97
C ARG A 283 37.02 15.29 10.81
N LEU A 284 36.10 14.63 10.11
CA LEU A 284 36.44 13.69 8.99
C LEU A 284 37.03 14.47 7.80
N ALA A 285 36.60 15.71 7.58
CA ALA A 285 37.04 16.55 6.44
C ALA A 285 38.55 16.82 6.53
N GLU A 286 39.16 16.69 7.70
CA GLU A 286 40.61 16.92 7.93
C GLU A 286 41.42 15.68 7.50
N LEU A 287 40.78 14.54 7.22
CA LEU A 287 41.50 13.27 6.92
C LEU A 287 41.77 13.19 5.41
N PRO A 288 43.04 13.05 4.98
CA PRO A 288 43.35 13.04 3.54
C PRO A 288 42.73 11.83 2.82
N GLY A 289 42.13 12.08 1.66
CA GLY A 289 41.50 11.04 0.80
C GLY A 289 40.10 10.69 1.27
N LEU A 290 39.56 11.42 2.25
CA LEU A 290 38.17 11.26 2.75
C LEU A 290 37.36 12.46 2.28
N ARG A 291 36.41 12.25 1.36
CA ARG A 291 35.47 13.30 0.90
C ARG A 291 34.19 13.20 1.74
N VAL A 292 33.95 14.18 2.62
CA VAL A 292 32.67 14.24 3.38
C VAL A 292 31.59 14.72 2.42
N PRO A 293 30.34 14.27 2.60
CA PRO A 293 29.23 14.75 1.77
C PRO A 293 28.95 16.23 2.07
N THR A 294 28.39 16.94 1.08
CA THR A 294 28.15 18.40 1.11
C THR A 294 26.79 18.71 0.51
N ALA A 295 26.19 19.82 0.98
CA ALA A 295 25.05 20.50 0.35
C ALA A 295 25.59 21.27 -0.85
N ALA A 296 24.94 21.16 -2.01
CA ALA A 296 25.24 21.97 -3.21
C ALA A 296 24.88 23.42 -2.93
N PRO A 297 25.37 24.38 -3.75
CA PRO A 297 25.05 25.80 -3.56
C PRO A 297 23.54 26.07 -3.48
N ASP A 298 23.15 26.97 -2.56
CA ASP A 298 21.76 27.45 -2.38
C ASP A 298 20.87 26.31 -1.87
N THR A 299 21.46 25.30 -1.20
CA THR A 299 20.68 24.19 -0.61
C THR A 299 21.10 23.96 0.84
N THR A 300 20.25 23.28 1.59
CA THR A 300 20.59 22.63 2.88
C THR A 300 20.45 21.12 2.69
N HIS A 301 21.15 20.35 3.52
CA HIS A 301 21.19 18.87 3.51
C HIS A 301 20.37 18.35 4.68
N ALA A 302 19.52 17.34 4.47
CA ALA A 302 18.70 16.69 5.53
C ALA A 302 19.53 15.62 6.26
N TRP A 303 20.66 15.18 5.66
CA TRP A 303 21.61 14.19 6.25
C TRP A 303 20.85 12.90 6.57
N HIS A 304 19.96 12.43 5.70
CA HIS A 304 19.28 11.13 5.90
C HIS A 304 20.32 10.01 5.90
N ILE A 305 21.24 10.04 4.93
CA ILE A 305 22.37 9.08 4.82
C ILE A 305 23.65 9.88 4.58
N LEU A 306 24.73 9.53 5.28
CA LEU A 306 26.07 10.13 5.07
C LEU A 306 26.88 9.19 4.17
N ARG A 307 27.17 9.61 2.94
CA ARG A 307 28.02 8.83 2.00
C ARG A 307 29.39 9.52 1.89
N PHE A 308 30.45 8.75 2.15
CA PHE A 308 31.86 9.18 2.10
C PHE A 308 32.54 8.48 0.91
N ARG A 309 33.35 9.21 0.14
CA ARG A 309 34.21 8.65 -0.93
C ARG A 309 35.65 8.64 -0.43
N PHE A 310 36.38 7.56 -0.71
CA PHE A 310 37.76 7.31 -0.24
C PHE A 310 38.69 7.21 -1.44
N ASP A 311 39.79 7.98 -1.41
CA ASP A 311 40.79 8.08 -2.51
C ASP A 311 41.94 7.11 -2.22
N PRO A 312 42.12 6.04 -3.03
CA PRO A 312 43.26 5.13 -2.86
C PRO A 312 44.63 5.82 -2.84
N ALA A 313 44.78 6.93 -3.59
CA ALA A 313 46.04 7.70 -3.71
C ALA A 313 46.50 8.17 -2.32
N ALA A 314 45.57 8.45 -1.41
CA ALA A 314 45.84 8.91 -0.03
C ALA A 314 46.56 7.83 0.79
N PHE A 315 46.44 6.56 0.40
CA PHE A 315 47.03 5.39 1.10
C PHE A 315 48.11 4.73 0.23
N GLY A 316 48.56 5.41 -0.82
CA GLY A 316 49.56 4.92 -1.78
C GLY A 316 49.08 3.69 -2.53
N LEU A 317 47.77 3.61 -2.81
CA LEU A 317 47.12 2.45 -3.47
C LEU A 317 46.71 2.82 -4.90
N ASP A 318 47.28 3.89 -5.46
CA ASP A 318 47.07 4.29 -6.88
C ASP A 318 47.25 3.05 -7.75
N GLY A 319 46.21 2.67 -8.51
CA GLY A 319 46.24 1.51 -9.44
C GLY A 319 45.47 0.32 -8.90
N VAL A 320 45.31 0.19 -7.59
CA VAL A 320 44.53 -0.90 -6.93
C VAL A 320 43.04 -0.52 -7.00
N ARG A 321 42.18 -1.50 -7.33
CA ARG A 321 40.70 -1.37 -7.34
C ARG A 321 40.26 -0.59 -6.09
N PRO A 322 39.50 0.52 -6.23
CA PRO A 322 39.01 1.25 -5.07
C PRO A 322 38.22 0.38 -4.09
N GLN A 323 37.55 -0.66 -4.61
CA GLN A 323 36.75 -1.62 -3.81
C GLN A 323 37.64 -2.28 -2.74
N ALA A 324 38.92 -2.47 -3.03
CA ALA A 324 39.91 -3.05 -2.08
C ALA A 324 40.06 -2.12 -0.87
N LEU A 325 40.21 -0.81 -1.10
CA LEU A 325 40.30 0.20 0.00
C LEU A 325 38.96 0.26 0.74
N ARG A 326 37.85 0.31 0.00
CA ARG A 326 36.47 0.35 0.56
C ARG A 326 36.29 -0.79 1.56
N SER A 327 36.68 -2.01 1.18
N SER A 327 36.67 -2.01 1.17
CA SER A 327 36.55 -3.24 2.01
CA SER A 327 36.58 -3.24 2.00
C SER A 327 37.46 -3.14 3.26
C SER A 327 37.45 -3.13 3.24
N ALA A 328 38.71 -2.70 3.08
CA ALA A 328 39.70 -2.54 4.17
C ALA A 328 39.17 -1.55 5.21
N LEU A 329 38.69 -0.38 4.76
CA LEU A 329 38.15 0.68 5.66
C LEU A 329 36.89 0.17 6.36
N ARG A 330 35.99 -0.51 5.64
CA ARG A 330 34.76 -1.06 6.23
C ARG A 330 35.13 -2.02 7.37
N ARG A 331 36.07 -2.92 7.13
CA ARG A 331 36.50 -3.93 8.14
C ARG A 331 37.08 -3.23 9.37
N LEU A 332 38.02 -2.30 9.18
CA LEU A 332 38.73 -1.62 10.30
C LEU A 332 37.74 -0.76 11.09
N LEU A 333 36.86 -0.03 10.42
CA LEU A 333 35.88 0.88 11.08
C LEU A 333 34.83 0.04 11.83
N ARG A 334 34.37 -1.06 11.25
CA ARG A 334 33.37 -1.96 11.92
C ARG A 334 33.99 -2.55 13.19
N ALA A 335 35.30 -2.87 13.18
CA ALA A 335 36.03 -3.41 14.35
C ALA A 335 36.07 -2.35 15.46
N GLU A 336 36.14 -1.07 15.11
CA GLU A 336 36.09 0.07 16.08
C GLU A 336 34.65 0.27 16.61
N GLY A 337 33.66 -0.34 15.98
CA GLY A 337 32.25 -0.24 16.39
C GLY A 337 31.46 0.78 15.57
N VAL A 338 31.98 1.22 14.43
CA VAL A 338 31.29 2.15 13.49
C VAL A 338 30.53 1.31 12.46
N PRO A 339 29.18 1.38 12.40
CA PRO A 339 28.41 0.50 11.53
C PRO A 339 28.40 0.99 10.06
N MET A 340 29.59 1.12 9.47
CA MET A 340 29.75 1.58 8.07
C MET A 340 29.12 0.53 7.15
N SER A 341 28.31 0.99 6.20
CA SER A 341 27.50 0.13 5.31
C SER A 341 27.76 0.55 3.85
N GLN A 342 27.14 -0.17 2.92
CA GLN A 342 26.90 0.31 1.54
C GLN A 342 25.42 0.66 1.46
N TYR A 343 25.06 1.53 0.53
CA TYR A 343 23.65 1.83 0.18
C TYR A 343 23.56 1.79 -1.34
N GLN A 344 23.03 0.68 -1.87
CA GLN A 344 23.04 0.28 -3.30
C GLN A 344 24.41 -0.34 -3.63
N LEU A 345 24.41 -1.59 -4.11
CA LEU A 345 25.63 -2.33 -4.51
C LEU A 345 25.86 -2.15 -6.01
N MET A 346 24.84 -1.67 -6.74
CA MET A 346 24.88 -1.54 -8.22
C MET A 346 24.00 -0.36 -8.61
N PRO A 347 24.28 0.29 -9.76
CA PRO A 347 23.35 1.26 -10.33
C PRO A 347 22.02 0.55 -10.61
N LEU A 348 20.89 1.27 -10.51
CA LEU A 348 19.53 0.72 -10.73
C LEU A 348 19.43 0.00 -12.07
N PRO A 349 19.96 0.53 -13.20
CA PRO A 349 19.82 -0.16 -14.49
C PRO A 349 20.42 -1.57 -14.54
N ASP A 350 21.29 -1.93 -13.59
CA ASP A 350 21.87 -3.30 -13.47
C ASP A 350 20.87 -4.26 -12.80
N GLN A 351 19.82 -3.75 -12.15
CA GLN A 351 18.81 -4.59 -11.47
C GLN A 351 18.07 -5.45 -12.50
N LYS A 352 17.84 -6.72 -12.16
CA LYS A 352 17.21 -7.74 -13.04
C LYS A 352 15.96 -7.15 -13.70
N VAL A 353 15.09 -6.49 -12.93
CA VAL A 353 13.79 -5.94 -13.45
C VAL A 353 14.05 -5.02 -14.65
N PHE A 354 15.12 -4.22 -14.63
CA PHE A 354 15.42 -3.23 -15.70
C PHE A 354 16.23 -3.87 -16.83
N VAL A 355 17.07 -4.87 -16.53
CA VAL A 355 17.89 -5.59 -17.55
C VAL A 355 16.97 -6.48 -18.39
N ASP A 356 16.10 -7.26 -17.74
CA ASP A 356 15.27 -8.31 -18.39
C ASP A 356 14.16 -7.66 -19.22
N ARG A 357 13.62 -6.52 -18.76
CA ARG A 357 12.53 -5.77 -19.44
C ARG A 357 11.36 -6.72 -19.72
N VAL A 358 10.98 -7.52 -18.73
CA VAL A 358 9.76 -8.39 -18.75
C VAL A 358 8.59 -7.58 -18.18
N GLY A 359 8.83 -6.88 -17.06
CA GLY A 359 7.82 -6.05 -16.38
C GLY A 359 6.63 -6.88 -15.93
N PHE A 360 5.42 -6.48 -16.32
CA PHE A 360 4.14 -7.14 -15.96
C PHE A 360 4.03 -8.50 -16.66
N GLY A 361 4.84 -8.71 -17.70
CA GLY A 361 4.78 -9.86 -18.60
C GLY A 361 4.80 -9.41 -20.05
N GLY A 362 5.38 -10.20 -20.95
CA GLY A 362 5.43 -9.91 -22.40
C GLY A 362 6.18 -8.63 -22.70
N GLY A 363 7.03 -8.16 -21.76
CA GLY A 363 7.91 -6.99 -21.93
C GLY A 363 7.22 -5.65 -21.73
N TYR A 364 5.96 -5.62 -21.29
CA TYR A 364 5.24 -4.37 -20.94
C TYR A 364 5.81 -3.84 -19.63
N PRO A 365 6.18 -2.54 -19.50
CA PRO A 365 5.83 -1.49 -20.46
C PRO A 365 6.69 -1.24 -21.71
N TRP A 366 7.86 -1.87 -21.81
CA TRP A 366 8.83 -1.64 -22.92
C TRP A 366 8.19 -1.98 -24.28
N THR A 367 7.30 -2.99 -24.30
CA THR A 367 6.67 -3.56 -25.53
C THR A 367 5.82 -2.52 -26.25
N VAL A 368 5.28 -1.51 -25.54
CA VAL A 368 4.34 -0.50 -26.13
C VAL A 368 5.03 0.16 -27.33
N THR A 369 6.29 0.56 -27.16
CA THR A 369 7.11 1.32 -28.15
C THR A 369 8.22 0.44 -28.76
N GLY A 370 8.51 -0.71 -28.15
CA GLY A 370 9.70 -1.53 -28.47
C GLY A 370 10.98 -0.88 -27.97
N ALA A 371 10.87 -0.02 -26.96
CA ALA A 371 12.01 0.64 -26.29
C ALA A 371 12.90 -0.44 -25.65
N THR A 372 14.21 -0.24 -25.74
CA THR A 372 15.24 -1.10 -25.10
C THR A 372 15.89 -0.29 -23.97
N GLY A 373 16.87 -0.89 -23.29
CA GLY A 373 17.70 -0.20 -22.28
C GLY A 373 19.15 -0.71 -22.33
N PRO A 374 20.05 -0.18 -21.48
CA PRO A 374 21.40 -0.73 -21.37
C PRO A 374 21.37 -2.17 -20.82
N ALA A 375 22.35 -2.99 -21.24
CA ALA A 375 22.68 -4.28 -20.59
C ALA A 375 23.35 -3.98 -19.24
N ALA A 376 23.46 -4.97 -18.37
CA ALA A 376 24.18 -4.87 -17.08
C ALA A 376 25.63 -4.43 -17.36
N GLY A 377 26.11 -3.40 -16.64
CA GLY A 377 27.52 -2.95 -16.66
C GLY A 377 27.84 -1.98 -17.79
N GLU A 378 26.87 -1.63 -18.64
CA GLU A 378 27.09 -1.01 -19.97
C GLU A 378 27.41 0.50 -19.85
N ASP A 379 26.75 1.20 -18.92
CA ASP A 379 26.65 2.69 -18.92
C ASP A 379 26.82 3.20 -17.48
N HIS A 380 26.70 4.51 -17.28
CA HIS A 380 26.62 5.18 -15.96
C HIS A 380 27.91 4.99 -15.17
N PRO A 381 29.07 5.40 -15.72
CA PRO A 381 30.36 5.21 -15.06
C PRO A 381 30.50 5.93 -13.71
N VAL A 382 29.84 7.09 -13.53
CA VAL A 382 29.99 7.89 -12.28
C VAL A 382 29.26 7.16 -11.15
N ALA A 383 28.03 6.71 -11.37
CA ALA A 383 27.28 5.88 -10.40
C ALA A 383 28.17 4.69 -9.97
N ARG A 384 28.82 4.03 -10.93
CA ARG A 384 29.70 2.86 -10.67
C ARG A 384 30.92 3.31 -9.85
N ALA A 385 31.56 4.42 -10.21
CA ALA A 385 32.75 4.95 -9.51
C ALA A 385 32.39 5.29 -8.06
N VAL A 386 31.22 5.91 -7.85
CA VAL A 386 30.74 6.33 -6.50
C VAL A 386 30.53 5.07 -5.65
N ILE A 387 29.88 4.05 -6.19
CA ILE A 387 29.63 2.77 -5.46
C ILE A 387 30.99 2.11 -5.14
N ALA A 388 31.93 2.15 -6.08
CA ALA A 388 33.25 1.47 -5.96
C ALA A 388 34.06 1.98 -4.75
N ASP A 389 33.98 3.27 -4.40
CA ASP A 389 34.92 3.87 -3.41
C ASP A 389 34.18 4.48 -2.21
N SER A 390 32.88 4.21 -2.02
CA SER A 390 32.06 4.89 -0.98
C SER A 390 31.57 3.90 0.08
N LEU A 391 31.48 4.38 1.33
CA LEU A 391 30.73 3.73 2.43
C LEU A 391 29.72 4.75 2.97
N THR A 392 28.66 4.26 3.60
CA THR A 392 27.56 5.09 4.13
C THR A 392 27.42 4.85 5.64
N LEU A 393 26.93 5.87 6.34
CA LEU A 393 26.34 5.74 7.69
C LEU A 393 24.83 5.95 7.57
N GLN A 394 24.06 5.00 8.09
CA GLN A 394 22.58 5.05 8.11
C GLN A 394 22.11 5.05 9.57
N LYS A 395 20.99 5.72 9.83
CA LYS A 395 20.16 5.61 11.07
C LYS A 395 20.80 6.34 12.27
N ARG A 396 22.04 6.02 12.65
CA ARG A 396 22.57 6.34 14.01
C ARG A 396 22.62 7.85 14.22
N HIS A 397 22.98 8.60 13.17
CA HIS A 397 23.15 10.08 13.21
C HIS A 397 21.81 10.80 13.21
N LEU A 398 20.68 10.09 13.03
CA LEU A 398 19.33 10.72 12.94
C LEU A 398 18.82 11.10 14.33
N HIS A 399 19.28 10.42 15.38
CA HIS A 399 18.78 10.56 16.77
C HIS A 399 19.37 11.84 17.38
N PRO A 400 18.55 12.71 18.01
CA PRO A 400 19.05 13.98 18.53
C PRO A 400 20.11 13.86 19.64
N GLU A 401 20.19 12.69 20.31
CA GLU A 401 21.15 12.44 21.41
C GLU A 401 22.44 11.76 20.90
N SER A 402 22.63 11.65 19.59
CA SER A 402 23.76 10.90 18.97
C SER A 402 25.04 11.74 18.87
N GLY A 403 25.07 12.95 19.44
CA GLY A 403 26.26 13.83 19.42
C GLY A 403 27.52 13.12 19.87
N GLU A 404 27.52 12.56 21.09
CA GLU A 404 28.71 11.89 21.66
C GLU A 404 29.08 10.66 20.81
N LEU A 405 28.09 9.90 20.33
CA LEU A 405 28.31 8.70 19.48
C LEU A 405 29.08 9.11 18.22
N LEU A 406 28.69 10.18 17.54
CA LEU A 406 29.36 10.62 16.28
C LEU A 406 30.79 11.07 16.58
N HIS A 407 31.05 11.64 17.76
CA HIS A 407 32.43 11.99 18.20
C HIS A 407 33.23 10.70 18.41
N LEU A 408 32.61 9.63 18.92
CA LEU A 408 33.27 8.31 19.04
C LEU A 408 33.57 7.75 17.64
N TYR A 409 32.64 7.90 16.68
CA TYR A 409 32.86 7.50 15.26
C TYR A 409 34.07 8.27 14.72
N ALA A 410 34.14 9.58 14.96
CA ALA A 410 35.28 10.44 14.52
C ALA A 410 36.58 9.94 15.15
N ASP A 411 36.56 9.56 16.44
CA ASP A 411 37.73 8.94 17.12
C ASP A 411 38.17 7.72 16.31
N ALA A 412 37.21 6.90 15.87
CA ALA A 412 37.48 5.65 15.11
C ALA A 412 38.16 5.99 13.78
N PHE A 413 37.60 6.95 13.04
CA PHE A 413 38.12 7.39 11.72
C PHE A 413 39.57 7.88 11.89
N GLU A 414 39.83 8.70 12.92
CA GLU A 414 41.17 9.28 13.18
C GLU A 414 42.17 8.15 13.50
N LYS A 415 41.76 7.15 14.28
CA LYS A 415 42.59 5.96 14.61
C LYS A 415 42.99 5.24 13.33
N VAL A 416 42.02 4.94 12.45
CA VAL A 416 42.26 4.22 11.18
C VAL A 416 43.23 5.04 10.32
N TRP A 417 42.99 6.35 10.21
CA TRP A 417 43.83 7.26 9.39
C TRP A 417 45.23 7.42 9.99
N ALA A 418 45.41 7.17 11.29
CA ALA A 418 46.72 7.19 11.97
C ALA A 418 47.51 5.91 11.67
N ASN A 419 46.90 4.93 10.97
CA ASN A 419 47.54 3.64 10.62
C ASN A 419 47.41 3.36 9.13
N PRO A 420 47.91 4.27 8.26
CA PRO A 420 47.77 4.11 6.80
C PRO A 420 48.48 2.85 6.27
N ASP A 421 49.58 2.43 6.88
CA ASP A 421 50.34 1.21 6.46
C ASP A 421 49.44 -0.01 6.58
N MET A 422 48.68 -0.12 7.68
CA MET A 422 47.78 -1.27 7.96
C MET A 422 46.58 -1.25 7.01
N VAL A 423 46.06 -0.06 6.67
CA VAL A 423 44.98 0.10 5.66
C VAL A 423 45.49 -0.44 4.31
N ALA A 424 46.68 0.00 3.89
CA ALA A 424 47.33 -0.37 2.61
C ALA A 424 47.54 -1.89 2.57
N THR A 425 48.01 -2.49 3.67
CA THR A 425 48.28 -3.94 3.80
C THR A 425 46.98 -4.72 3.59
N LEU A 426 45.91 -4.36 4.31
CA LEU A 426 44.58 -5.02 4.19
CA LEU A 426 44.58 -5.03 4.19
C LEU A 426 44.07 -4.91 2.75
N ALA A 427 44.18 -3.72 2.15
CA ALA A 427 43.70 -3.42 0.79
C ALA A 427 44.46 -4.27 -0.24
N GLY A 428 45.76 -4.50 -0.02
CA GLY A 428 46.65 -5.21 -0.96
C GLY A 428 46.60 -6.73 -0.82
N ALA A 429 46.02 -7.25 0.26
CA ALA A 429 46.03 -8.70 0.61
C ALA A 429 44.98 -9.45 -0.22
N SER B 2 -47.84 0.64 17.70
CA SER B 2 -47.49 2.09 17.64
C SER B 2 -47.39 2.57 16.19
N LYS B 3 -47.53 3.88 15.96
CA LYS B 3 -47.42 4.52 14.63
C LYS B 3 -45.98 4.38 14.12
N LEU B 4 -45.79 4.44 12.80
CA LEU B 4 -44.46 4.38 12.14
C LEU B 4 -43.65 5.63 12.54
N ALA B 5 -42.35 5.45 12.80
CA ALA B 5 -41.41 6.53 13.17
C ALA B 5 -41.31 7.57 12.04
N ALA B 6 -41.48 7.13 10.78
CA ALA B 6 -41.42 7.98 9.58
C ALA B 6 -42.50 9.07 9.62
N PHE B 7 -43.58 8.86 10.38
CA PHE B 7 -44.73 9.79 10.51
C PHE B 7 -44.96 10.15 11.99
N GLY B 8 -43.87 10.38 12.73
CA GLY B 8 -43.89 10.96 14.09
C GLY B 8 -44.00 9.92 15.20
N GLY B 9 -44.18 8.64 14.86
CA GLY B 9 -44.31 7.54 15.83
C GLY B 9 -43.00 7.28 16.58
N PRO B 10 -43.02 6.47 17.67
CA PRO B 10 -41.80 6.12 18.37
C PRO B 10 -40.98 5.10 17.57
N PRO B 11 -39.64 5.24 17.49
CA PRO B 11 -38.82 4.29 16.75
C PRO B 11 -38.67 2.95 17.49
N ALA B 12 -38.75 1.84 16.75
CA ALA B 12 -38.58 0.45 17.28
C ALA B 12 -37.17 0.29 17.87
N VAL B 13 -36.20 1.03 17.34
CA VAL B 13 -34.79 1.06 17.85
C VAL B 13 -34.54 2.43 18.48
N PRO B 14 -34.54 2.54 19.84
CA PRO B 14 -34.25 3.81 20.50
C PRO B 14 -32.88 4.35 20.09
N ARG B 15 -32.76 5.68 19.96
CA ARG B 15 -31.54 6.40 19.51
C ARG B 15 -30.32 5.95 20.33
N ASP B 16 -30.50 5.79 21.65
CA ASP B 16 -29.38 5.54 22.60
C ASP B 16 -28.91 4.07 22.54
N ARG B 17 -29.47 3.25 21.65
CA ARG B 17 -29.12 1.81 21.51
C ARG B 17 -28.58 1.50 20.09
N ARG B 18 -28.43 2.51 19.24
CA ARG B 18 -28.12 2.33 17.79
C ARG B 18 -26.61 2.20 17.56
N HIS B 19 -25.77 2.83 18.38
CA HIS B 19 -24.29 2.87 18.18
C HIS B 19 -23.69 1.48 18.36
N VAL B 20 -22.85 1.06 17.42
CA VAL B 20 -22.06 -0.20 17.50
C VAL B 20 -20.60 0.12 17.13
N GLU B 21 -19.67 -0.27 18.02
CA GLU B 21 -18.21 -0.10 17.85
C GLU B 21 -17.67 -1.27 17.02
N TRP B 22 -17.09 -0.99 15.86
CA TRP B 22 -16.37 -2.02 15.06
C TRP B 22 -15.23 -1.36 14.30
N PRO B 23 -13.96 -1.82 14.44
CA PRO B 23 -13.61 -2.96 15.29
C PRO B 23 -13.92 -2.79 16.79
N LEU B 24 -14.08 -3.92 17.48
CA LEU B 24 -14.24 -3.99 18.96
C LEU B 24 -12.85 -3.97 19.59
N VAL B 25 -12.43 -2.80 20.08
CA VAL B 25 -11.06 -2.57 20.62
C VAL B 25 -11.11 -2.82 22.13
N GLU B 26 -10.35 -3.81 22.59
CA GLU B 26 -10.17 -4.16 24.03
C GLU B 26 -8.76 -3.72 24.45
N ASP B 27 -8.49 -3.68 25.76
CA ASP B 27 -7.16 -3.36 26.32
C ASP B 27 -6.10 -4.30 25.73
N GLU B 28 -6.46 -5.54 25.44
CA GLU B 28 -5.55 -6.55 24.84
C GLU B 28 -5.08 -6.03 23.46
N ASP B 29 -5.96 -5.38 22.71
CA ASP B 29 -5.65 -4.81 21.37
C ASP B 29 -4.69 -3.63 21.54
N ARG B 30 -5.00 -2.71 22.45
CA ARG B 30 -4.17 -1.51 22.75
C ARG B 30 -2.76 -1.97 23.19
N LYS B 31 -2.70 -2.97 24.08
CA LYS B 31 -1.40 -3.50 24.60
C LYS B 31 -0.59 -4.10 23.46
N ALA B 32 -1.22 -4.88 22.59
CA ALA B 32 -0.59 -5.53 21.42
C ALA B 32 0.07 -4.47 20.53
N VAL B 33 -0.66 -3.39 20.25
CA VAL B 33 -0.20 -2.26 19.38
C VAL B 33 1.01 -1.58 20.05
N ILE B 34 0.88 -1.19 21.32
CA ILE B 34 1.96 -0.48 22.08
C ILE B 34 3.19 -1.41 22.20
N ASP B 35 2.99 -2.70 22.50
CA ASP B 35 4.10 -3.67 22.64
C ASP B 35 4.86 -3.79 21.31
N ALA B 36 4.13 -3.79 20.18
CA ALA B 36 4.70 -3.83 18.82
C ALA B 36 5.52 -2.55 18.58
N LEU B 37 4.98 -1.41 19.02
CA LEU B 37 5.64 -0.08 18.89
C LEU B 37 6.94 -0.06 19.68
N ASP B 38 6.91 -0.52 20.94
CA ASP B 38 8.07 -0.52 21.88
C ASP B 38 9.04 -1.65 21.52
N GLY B 39 8.57 -2.69 20.84
CA GLY B 39 9.38 -3.81 20.35
C GLY B 39 10.42 -3.37 19.32
N ALA B 40 10.15 -2.25 18.63
CA ALA B 40 11.05 -1.57 17.67
C ALA B 40 11.29 -2.46 16.45
N ARG B 41 10.29 -3.28 16.07
CA ARG B 41 10.26 -4.06 14.81
C ARG B 41 8.95 -3.73 14.09
N LEU B 42 8.91 -2.57 13.41
CA LEU B 42 7.67 -1.91 12.90
C LEU B 42 7.39 -2.31 11.44
N VAL B 43 8.35 -2.96 10.78
CA VAL B 43 8.29 -3.26 9.31
C VAL B 43 8.25 -4.79 9.11
N SER B 44 7.63 -5.22 8.00
CA SER B 44 7.54 -6.65 7.60
C SER B 44 6.71 -6.78 6.31
N GLU B 49 10.77 -13.32 14.26
CA GLU B 49 10.52 -12.67 15.58
C GLU B 49 9.93 -11.27 15.37
N ASN B 50 8.95 -11.14 14.47
CA ASN B 50 8.27 -9.86 14.16
C ASN B 50 6.77 -10.11 14.03
N PRO B 51 5.92 -9.14 14.43
CA PRO B 51 4.46 -9.34 14.43
C PRO B 51 3.87 -9.78 13.08
N VAL B 52 4.47 -9.39 11.96
CA VAL B 52 3.95 -9.74 10.60
C VAL B 52 4.09 -11.26 10.39
N SER B 53 5.29 -11.81 10.58
CA SER B 53 5.54 -13.27 10.41
C SER B 53 4.75 -14.06 11.47
N THR B 54 4.57 -13.50 12.67
CA THR B 54 3.75 -14.12 13.75
C THR B 54 2.30 -14.26 13.25
N LEU B 55 1.72 -13.20 12.67
CA LEU B 55 0.34 -13.26 12.12
C LEU B 55 0.27 -14.30 10.99
N GLU B 56 1.26 -14.29 10.09
CA GLU B 56 1.32 -15.25 8.95
C GLU B 56 1.20 -16.69 9.49
N GLU B 57 2.04 -17.04 10.47
CA GLU B 57 2.08 -18.38 11.11
C GLU B 57 0.73 -18.70 11.75
N GLN B 58 0.15 -17.75 12.49
CA GLN B 58 -1.11 -17.94 13.26
C GLN B 58 -2.29 -18.15 12.30
N TRP B 59 -2.37 -17.33 11.25
CA TRP B 59 -3.47 -17.42 10.24
C TRP B 59 -3.39 -18.77 9.51
N ALA B 60 -2.19 -19.15 9.05
CA ALA B 60 -1.93 -20.43 8.35
C ALA B 60 -2.33 -21.59 9.26
N GLY B 61 -1.92 -21.52 10.53
CA GLY B 61 -2.17 -22.56 11.56
C GLY B 61 -3.64 -22.69 11.87
N ARG B 62 -4.34 -21.57 12.08
CA ARG B 62 -5.77 -21.53 12.47
C ARG B 62 -6.63 -22.15 11.36
N PHE B 63 -6.38 -21.78 10.09
CA PHE B 63 -7.26 -22.09 8.94
C PHE B 63 -6.65 -23.18 8.05
N GLY B 64 -5.50 -23.74 8.45
CA GLY B 64 -4.91 -24.95 7.85
C GLY B 64 -4.28 -24.74 6.48
N PHE B 65 -3.73 -23.55 6.21
CA PHE B 65 -3.08 -23.23 4.90
C PHE B 65 -1.61 -23.62 4.97
N GLY B 66 -1.04 -24.07 3.85
CA GLY B 66 0.39 -24.39 3.71
C GLY B 66 1.25 -23.14 3.89
N HIS B 67 0.80 -22.00 3.35
CA HIS B 67 1.57 -20.74 3.29
C HIS B 67 0.64 -19.55 3.49
N CYS B 68 1.11 -18.53 4.22
CA CYS B 68 0.42 -17.24 4.39
C CYS B 68 1.45 -16.12 4.22
N VAL B 69 1.19 -15.19 3.30
CA VAL B 69 2.04 -13.99 3.07
C VAL B 69 1.18 -12.76 3.38
N ALA B 70 1.58 -12.03 4.42
CA ALA B 70 0.91 -10.79 4.88
C ALA B 70 1.33 -9.66 3.93
N VAL B 71 0.34 -8.87 3.50
CA VAL B 71 0.55 -7.76 2.54
C VAL B 71 -0.25 -6.55 3.02
N SER B 72 -0.13 -5.44 2.31
CA SER B 72 -0.68 -4.11 2.69
C SER B 72 -2.22 -4.15 2.73
N THR B 73 -2.85 -4.80 1.75
CA THR B 73 -4.31 -4.72 1.49
C THR B 73 -4.81 -6.03 0.84
N GLY B 74 -6.11 -6.28 0.92
CA GLY B 74 -6.77 -7.37 0.17
C GLY B 74 -6.59 -7.19 -1.33
N THR B 75 -6.61 -5.95 -1.81
CA THR B 75 -6.41 -5.60 -3.24
C THR B 75 -5.02 -6.08 -3.68
N ALA B 76 -3.98 -5.78 -2.90
CA ALA B 76 -2.58 -6.19 -3.17
C ALA B 76 -2.48 -7.73 -3.13
N ALA B 77 -3.19 -8.38 -2.22
CA ALA B 77 -3.23 -9.87 -2.14
C ALA B 77 -3.71 -10.41 -3.49
N LEU B 78 -4.77 -9.84 -4.05
CA LEU B 78 -5.35 -10.27 -5.35
C LEU B 78 -4.35 -10.01 -6.49
N SER B 79 -3.79 -8.80 -6.60
CA SER B 79 -2.91 -8.42 -7.73
C SER B 79 -1.61 -9.23 -7.67
N LEU B 80 -1.04 -9.45 -6.48
CA LEU B 80 0.19 -10.25 -6.31
C LEU B 80 -0.07 -11.71 -6.64
N ALA B 81 -1.26 -12.23 -6.30
CA ALA B 81 -1.69 -13.61 -6.64
C ALA B 81 -1.69 -13.77 -8.17
N LEU B 82 -2.30 -12.82 -8.89
CA LEU B 82 -2.36 -12.84 -10.38
C LEU B 82 -0.94 -12.85 -10.95
N ALA B 83 -0.07 -11.97 -10.44
CA ALA B 83 1.35 -11.87 -10.87
C ALA B 83 2.05 -13.21 -10.64
N ALA B 84 1.88 -13.80 -9.45
CA ALA B 84 2.49 -15.08 -9.04
C ALA B 84 2.04 -16.22 -9.98
N LEU B 85 0.81 -16.15 -10.48
CA LEU B 85 0.19 -17.21 -11.33
C LEU B 85 0.41 -16.90 -12.82
N GLY B 86 1.27 -15.92 -13.13
CA GLY B 86 1.71 -15.63 -14.50
C GLY B 86 0.64 -14.92 -15.33
N VAL B 87 -0.37 -14.34 -14.67
CA VAL B 87 -1.44 -13.53 -15.36
C VAL B 87 -0.85 -12.16 -15.66
N GLY B 88 -1.04 -11.65 -16.88
CA GLY B 88 -0.44 -10.38 -17.31
C GLY B 88 -1.02 -9.86 -18.63
N PRO B 89 -0.28 -8.97 -19.32
CA PRO B 89 -0.72 -8.41 -20.59
C PRO B 89 -1.26 -9.46 -21.57
N GLY B 90 -2.44 -9.20 -22.15
CA GLY B 90 -3.09 -10.05 -23.16
C GLY B 90 -4.00 -11.10 -22.52
N ASP B 91 -3.94 -11.26 -21.20
CA ASP B 91 -4.75 -12.26 -20.44
C ASP B 91 -6.08 -11.63 -20.02
N GLU B 92 -7.12 -12.45 -19.96
CA GLU B 92 -8.46 -12.09 -19.42
C GLU B 92 -8.65 -12.83 -18.08
N VAL B 93 -9.25 -12.13 -17.12
CA VAL B 93 -9.58 -12.68 -15.77
C VAL B 93 -11.08 -12.51 -15.57
N ILE B 94 -11.80 -13.62 -15.42
CA ILE B 94 -13.27 -13.59 -15.19
C ILE B 94 -13.51 -13.32 -13.70
N VAL B 95 -14.30 -12.28 -13.42
CA VAL B 95 -14.70 -11.83 -12.06
C VAL B 95 -16.21 -11.61 -12.06
N PRO B 96 -16.86 -11.55 -10.88
CA PRO B 96 -18.30 -11.29 -10.81
C PRO B 96 -18.67 -9.86 -11.20
N ALA B 97 -19.85 -9.68 -11.80
CA ALA B 97 -20.44 -8.37 -12.15
C ALA B 97 -20.93 -7.67 -10.88
N LEU B 98 -21.19 -8.42 -9.81
CA LEU B 98 -21.53 -7.88 -8.47
C LEU B 98 -20.39 -8.24 -7.50
N SER B 99 -19.65 -7.22 -7.07
CA SER B 99 -18.58 -7.33 -6.06
C SER B 99 -18.13 -5.93 -5.66
N PHE B 100 -17.22 -5.83 -4.70
CA PHE B 100 -16.45 -4.60 -4.44
C PHE B 100 -15.57 -4.33 -5.67
N ILE B 101 -15.37 -3.05 -6.02
CA ILE B 101 -14.58 -2.59 -7.20
C ILE B 101 -13.21 -3.28 -7.25
N ALA B 102 -12.57 -3.54 -6.10
CA ALA B 102 -11.21 -4.11 -6.00
C ALA B 102 -11.09 -5.40 -6.82
N THR B 103 -12.14 -6.24 -6.83
CA THR B 103 -12.13 -7.53 -7.56
C THR B 103 -11.95 -7.28 -9.06
N GLY B 104 -12.62 -6.25 -9.59
CA GLY B 104 -12.53 -5.84 -11.01
C GLY B 104 -11.21 -5.13 -11.33
N LEU B 105 -10.67 -4.37 -10.38
CA LEU B 105 -9.43 -3.58 -10.57
C LEU B 105 -8.18 -4.46 -10.50
N ALA B 106 -8.17 -5.53 -9.70
CA ALA B 106 -6.98 -6.36 -9.44
C ALA B 106 -6.39 -6.85 -10.77
N PRO B 107 -7.21 -7.37 -11.72
CA PRO B 107 -6.68 -7.74 -13.05
C PRO B 107 -6.01 -6.55 -13.77
N VAL B 108 -6.63 -5.37 -13.74
CA VAL B 108 -6.08 -4.13 -14.37
C VAL B 108 -4.73 -3.79 -13.73
N HIS B 109 -4.59 -3.96 -12.41
CA HIS B 109 -3.33 -3.70 -11.65
C HIS B 109 -2.19 -4.58 -12.16
N GLN B 110 -2.49 -5.75 -12.71
CA GLN B 110 -1.48 -6.69 -13.25
C GLN B 110 -1.51 -6.63 -14.78
N MET B 111 -2.10 -5.58 -15.35
CA MET B 111 -2.13 -5.26 -16.81
C MET B 111 -2.88 -6.36 -17.57
N ALA B 112 -3.84 -7.01 -16.92
CA ALA B 112 -4.78 -8.00 -17.52
C ALA B 112 -6.16 -7.35 -17.64
N VAL B 113 -7.03 -7.94 -18.45
CA VAL B 113 -8.38 -7.39 -18.75
C VAL B 113 -9.41 -8.14 -17.91
N PRO B 114 -10.20 -7.43 -17.06
CA PRO B 114 -11.29 -8.06 -16.34
C PRO B 114 -12.47 -8.34 -17.26
N VAL B 115 -13.02 -9.56 -17.16
CA VAL B 115 -14.25 -9.99 -17.89
C VAL B 115 -15.29 -10.33 -16.83
N PHE B 116 -16.48 -9.73 -16.93
CA PHE B 116 -17.53 -9.78 -15.88
C PHE B 116 -18.54 -10.88 -16.21
N ALA B 117 -18.67 -11.85 -15.31
CA ALA B 117 -19.68 -12.92 -15.32
C ALA B 117 -20.85 -12.51 -14.42
N ASP B 118 -22.08 -12.78 -14.86
CA ASP B 118 -23.29 -12.48 -14.08
C ASP B 118 -23.30 -13.38 -12.84
N VAL B 119 -24.13 -13.03 -11.86
CA VAL B 119 -24.18 -13.70 -10.53
C VAL B 119 -25.49 -14.50 -10.42
N ASP B 120 -25.57 -15.27 -9.35
CA ASP B 120 -26.75 -16.10 -8.98
C ASP B 120 -27.77 -15.19 -8.29
N PRO B 121 -29.08 -15.35 -8.58
CA PRO B 121 -30.11 -14.48 -8.00
C PRO B 121 -30.32 -14.65 -6.48
N VAL B 122 -29.81 -15.73 -5.88
CA VAL B 122 -30.02 -16.06 -4.44
C VAL B 122 -28.68 -16.01 -3.69
N THR B 123 -27.61 -16.60 -4.23
CA THR B 123 -26.27 -16.66 -3.57
C THR B 123 -25.52 -15.35 -3.78
N PHE B 124 -25.84 -14.62 -4.85
CA PHE B 124 -25.20 -13.33 -5.24
C PHE B 124 -23.76 -13.56 -5.71
N ASN B 125 -23.36 -14.82 -5.94
CA ASN B 125 -21.98 -15.20 -6.32
C ASN B 125 -21.95 -15.51 -7.82
N LEU B 126 -20.77 -15.48 -8.43
CA LEU B 126 -20.62 -15.59 -9.91
C LEU B 126 -21.23 -16.92 -10.37
N ASP B 127 -22.10 -16.85 -11.37
CA ASP B 127 -22.83 -18.00 -11.94
C ASP B 127 -21.84 -18.81 -12.78
N PRO B 128 -21.50 -20.06 -12.39
CA PRO B 128 -20.54 -20.87 -13.14
C PRO B 128 -20.92 -21.03 -14.62
N ASP B 129 -22.22 -21.18 -14.92
CA ASP B 129 -22.72 -21.31 -16.32
C ASP B 129 -22.36 -20.06 -17.10
N ASP B 130 -22.49 -18.87 -16.50
CA ASP B 130 -22.17 -17.59 -17.18
C ASP B 130 -20.65 -17.46 -17.33
N VAL B 131 -19.88 -17.91 -16.34
CA VAL B 131 -18.39 -17.96 -16.42
C VAL B 131 -17.99 -18.71 -17.69
N GLU B 132 -18.56 -19.89 -17.91
CA GLU B 132 -18.24 -20.75 -19.09
C GLU B 132 -18.51 -19.97 -20.38
N ARG B 133 -19.61 -19.21 -20.45
CA ARG B 133 -20.01 -18.44 -21.65
C ARG B 133 -19.03 -17.30 -21.92
N ARG B 134 -18.32 -16.83 -20.89
CA ARG B 134 -17.42 -15.63 -20.96
C ARG B 134 -16.00 -16.06 -21.31
N ILE B 135 -15.69 -17.36 -21.29
CA ILE B 135 -14.33 -17.90 -21.56
C ILE B 135 -13.99 -17.63 -23.02
N THR B 136 -12.76 -17.15 -23.28
CA THR B 136 -12.17 -16.95 -24.63
C THR B 136 -10.80 -17.63 -24.64
N GLY B 137 -10.10 -17.59 -25.79
CA GLY B 137 -8.71 -18.06 -25.91
C GLY B 137 -7.77 -17.28 -25.00
N ARG B 138 -8.18 -16.08 -24.54
CA ARG B 138 -7.33 -15.18 -23.73
C ARG B 138 -7.55 -15.41 -22.22
N THR B 139 -8.61 -16.11 -21.81
CA THR B 139 -8.92 -16.35 -20.36
C THR B 139 -7.74 -17.10 -19.72
N ALA B 140 -7.24 -16.59 -18.58
CA ALA B 140 -6.10 -17.17 -17.84
C ALA B 140 -6.48 -17.52 -16.40
N ALA B 141 -7.52 -16.89 -15.85
CA ALA B 141 -7.86 -17.02 -14.41
C ALA B 141 -9.32 -16.67 -14.15
N ILE B 142 -9.84 -17.17 -13.03
CA ILE B 142 -11.16 -16.81 -12.46
C ILE B 142 -10.93 -16.32 -11.03
N ILE B 143 -11.57 -15.22 -10.65
CA ILE B 143 -11.62 -14.74 -9.23
C ILE B 143 -13.05 -14.92 -8.75
N PRO B 144 -13.41 -16.11 -8.23
CA PRO B 144 -14.68 -16.26 -7.52
C PRO B 144 -14.61 -15.42 -6.25
N VAL B 145 -15.65 -14.65 -5.96
CA VAL B 145 -15.79 -13.88 -4.69
C VAL B 145 -16.76 -14.63 -3.78
N HIS B 146 -16.40 -14.82 -2.51
CA HIS B 146 -17.33 -15.31 -1.47
C HIS B 146 -18.09 -14.09 -0.95
N LEU B 147 -19.00 -13.56 -1.78
CA LEU B 147 -19.57 -12.20 -1.55
C LEU B 147 -20.46 -12.25 -0.29
N HIS B 148 -20.31 -11.23 0.56
CA HIS B 148 -21.09 -11.02 1.80
C HIS B 148 -20.73 -12.06 2.87
N GLY B 149 -19.85 -13.03 2.56
CA GLY B 149 -19.48 -14.14 3.46
C GLY B 149 -19.99 -15.49 2.99
N ALA B 150 -20.75 -15.55 1.90
CA ALA B 150 -21.29 -16.80 1.31
C ALA B 150 -20.25 -17.40 0.38
N PRO B 151 -19.71 -18.61 0.65
CA PRO B 151 -18.83 -19.28 -0.29
C PRO B 151 -19.49 -19.48 -1.66
N ALA B 152 -18.73 -19.20 -2.72
CA ALA B 152 -19.13 -19.38 -4.13
C ALA B 152 -19.14 -20.87 -4.47
N ASP B 153 -19.64 -21.19 -5.67
CA ASP B 153 -19.78 -22.58 -6.19
C ASP B 153 -18.40 -23.10 -6.62
N MET B 154 -17.55 -23.45 -5.64
CA MET B 154 -16.12 -23.74 -5.88
C MET B 154 -15.96 -25.07 -6.64
N ASP B 155 -16.86 -26.04 -6.45
CA ASP B 155 -16.83 -27.32 -7.22
C ASP B 155 -16.89 -27.01 -8.72
N ARG B 156 -17.87 -26.22 -9.16
CA ARG B 156 -18.10 -25.89 -10.59
CA ARG B 156 -18.09 -25.91 -10.60
C ARG B 156 -16.97 -24.99 -11.09
N ILE B 157 -16.57 -23.98 -10.29
CA ILE B 157 -15.51 -23.01 -10.70
C ILE B 157 -14.19 -23.77 -10.92
N THR B 158 -13.79 -24.65 -9.99
CA THR B 158 -12.52 -25.42 -10.10
C THR B 158 -12.63 -26.39 -11.28
N ALA B 159 -13.79 -27.00 -11.48
CA ALA B 159 -14.07 -27.93 -12.61
C ALA B 159 -13.84 -27.19 -13.94
N ILE B 160 -14.42 -25.99 -14.07
CA ILE B 160 -14.26 -25.12 -15.28
C ILE B 160 -12.77 -24.78 -15.45
N ALA B 161 -12.10 -24.37 -14.37
CA ALA B 161 -10.67 -23.96 -14.38
C ALA B 161 -9.79 -25.13 -14.84
N ARG B 162 -10.04 -26.34 -14.33
CA ARG B 162 -9.26 -27.55 -14.69
C ARG B 162 -9.46 -27.86 -16.18
N ARG B 163 -10.69 -27.76 -16.68
CA ARG B 163 -11.05 -28.04 -18.11
C ARG B 163 -10.27 -27.10 -19.04
N HIS B 164 -10.18 -25.81 -18.70
CA HIS B 164 -9.65 -24.74 -19.59
C HIS B 164 -8.23 -24.33 -19.19
N GLY B 165 -7.62 -24.99 -18.19
CA GLY B 165 -6.26 -24.70 -17.70
C GLY B 165 -6.13 -23.32 -17.09
N LEU B 166 -7.15 -22.87 -16.34
CA LEU B 166 -7.20 -21.52 -15.73
C LEU B 166 -6.74 -21.59 -14.27
N ALA B 167 -6.14 -20.50 -13.77
CA ALA B 167 -5.85 -20.29 -12.34
C ALA B 167 -7.13 -19.87 -11.63
N VAL B 168 -7.28 -20.24 -10.36
CA VAL B 168 -8.41 -19.79 -9.50
C VAL B 168 -7.81 -19.06 -8.29
N ILE B 169 -8.19 -17.80 -8.13
CA ILE B 169 -7.85 -16.96 -6.95
C ILE B 169 -9.16 -16.65 -6.23
N GLU B 170 -9.34 -17.18 -5.02
CA GLU B 170 -10.53 -16.88 -4.19
C GLU B 170 -10.39 -15.47 -3.61
N ASP B 171 -11.38 -14.63 -3.84
CA ASP B 171 -11.55 -13.34 -3.12
C ASP B 171 -12.38 -13.63 -1.87
N ALA B 172 -11.71 -13.94 -0.76
CA ALA B 172 -12.31 -14.31 0.54
C ALA B 172 -12.30 -13.09 1.48
N ALA B 173 -12.18 -11.87 0.94
CA ALA B 173 -12.14 -10.61 1.70
C ALA B 173 -13.29 -10.55 2.70
N GLN B 174 -14.49 -10.96 2.30
CA GLN B 174 -15.72 -10.82 3.11
C GLN B 174 -16.12 -12.14 3.80
N ALA B 175 -15.24 -13.16 3.83
CA ALA B 175 -15.65 -14.53 4.24
C ALA B 175 -14.63 -15.23 5.14
N PRO B 176 -13.96 -14.56 6.10
CA PRO B 176 -13.08 -15.28 7.02
C PRO B 176 -13.90 -16.26 7.88
N GLY B 177 -13.36 -17.47 8.05
CA GLY B 177 -14.01 -18.55 8.82
C GLY B 177 -15.04 -19.32 8.02
N ALA B 178 -15.45 -18.82 6.85
CA ALA B 178 -16.44 -19.51 5.97
C ALA B 178 -15.85 -20.83 5.49
N THR B 179 -16.69 -21.83 5.22
CA THR B 179 -16.25 -23.17 4.77
C THR B 179 -17.07 -23.60 3.55
N HIS B 180 -16.47 -24.41 2.69
CA HIS B 180 -17.10 -25.02 1.51
C HIS B 180 -16.81 -26.53 1.56
N ARG B 181 -17.85 -27.34 1.73
CA ARG B 181 -17.72 -28.81 1.99
C ARG B 181 -16.74 -29.03 3.15
N GLY B 182 -16.86 -28.22 4.21
CA GLY B 182 -16.07 -28.33 5.46
C GLY B 182 -14.66 -27.78 5.33
N ARG B 183 -14.28 -27.24 4.17
CA ARG B 183 -12.89 -26.75 3.90
C ARG B 183 -12.85 -25.24 4.11
N PRO B 184 -11.84 -24.70 4.83
CA PRO B 184 -11.69 -23.24 4.93
C PRO B 184 -11.59 -22.59 3.54
N VAL B 185 -12.41 -21.55 3.30
CA VAL B 185 -12.31 -20.74 2.05
C VAL B 185 -10.90 -20.16 1.98
N GLY B 186 -10.37 -19.99 0.78
CA GLY B 186 -9.01 -19.47 0.52
C GLY B 186 -8.02 -20.58 0.18
N GLY B 187 -8.30 -21.82 0.60
CA GLY B 187 -7.39 -22.96 0.41
C GLY B 187 -7.82 -23.88 -0.72
N ILE B 188 -8.90 -23.55 -1.43
CA ILE B 188 -9.52 -24.42 -2.48
C ILE B 188 -8.94 -24.04 -3.84
N GLY B 189 -8.86 -22.74 -4.15
CA GLY B 189 -8.21 -22.23 -5.36
C GLY B 189 -6.69 -22.36 -5.28
N ASP B 190 -5.98 -21.94 -6.33
CA ASP B 190 -4.50 -21.89 -6.35
C ASP B 190 -4.00 -20.97 -5.23
N ALA B 191 -4.76 -19.93 -4.92
CA ALA B 191 -4.45 -18.95 -3.86
C ALA B 191 -5.74 -18.31 -3.37
N GLY B 192 -5.70 -17.74 -2.16
CA GLY B 192 -6.84 -17.05 -1.52
C GLY B 192 -6.41 -15.70 -0.99
N ALA B 193 -7.22 -14.67 -1.21
CA ALA B 193 -6.99 -13.29 -0.75
C ALA B 193 -7.97 -12.98 0.39
N PHE B 194 -7.44 -12.48 1.50
CA PHE B 194 -8.21 -11.94 2.65
C PHE B 194 -7.90 -10.46 2.83
N SER B 195 -8.90 -9.70 3.27
CA SER B 195 -8.78 -8.29 3.69
C SER B 195 -8.91 -8.23 5.22
N LEU B 196 -8.01 -7.50 5.87
CA LEU B 196 -8.10 -7.18 7.32
C LEU B 196 -8.56 -5.74 7.51
N GLN B 197 -9.12 -5.11 6.47
CA GLN B 197 -9.62 -3.71 6.55
C GLN B 197 -10.59 -3.60 7.74
N ALA B 198 -10.62 -2.43 8.39
CA ALA B 198 -11.26 -2.20 9.71
C ALA B 198 -12.73 -2.65 9.73
N THR B 199 -13.42 -2.72 8.59
CA THR B 199 -14.86 -3.10 8.52
C THR B 199 -15.04 -4.62 8.56
N LYS B 200 -13.96 -5.40 8.47
CA LYS B 200 -14.04 -6.87 8.19
C LYS B 200 -14.24 -7.68 9.48
N ASN B 201 -14.66 -8.94 9.31
CA ASN B 201 -15.06 -9.85 10.42
C ASN B 201 -13.88 -10.13 11.35
N ILE B 202 -12.66 -10.22 10.81
CA ILE B 202 -11.40 -10.28 11.61
C ILE B 202 -10.57 -9.07 11.21
N PRO B 203 -10.82 -7.89 11.81
CA PRO B 203 -10.25 -6.65 11.33
C PRO B 203 -8.85 -6.37 11.89
N THR B 204 -8.11 -5.48 11.22
CA THR B 204 -6.96 -4.76 11.80
C THR B 204 -7.38 -3.32 12.06
N CYS B 205 -6.55 -2.57 12.78
CA CYS B 205 -6.76 -1.12 13.07
C CYS B 205 -6.30 -0.31 11.85
N GLY B 206 -7.02 -0.44 10.73
CA GLY B 206 -6.73 0.24 9.46
C GLY B 206 -6.80 -0.71 8.28
N GLU B 207 -5.68 -0.85 7.55
CA GLU B 207 -5.58 -1.63 6.29
C GLU B 207 -4.69 -2.86 6.53
N GLY B 208 -4.98 -3.95 5.83
CA GLY B 208 -4.18 -5.18 5.87
C GLY B 208 -4.72 -6.21 4.88
N GLY B 209 -3.85 -7.09 4.40
CA GLY B 209 -4.21 -8.19 3.50
C GLY B 209 -3.41 -9.44 3.80
N LEU B 210 -3.96 -10.60 3.48
CA LEU B 210 -3.26 -11.89 3.59
C LEU B 210 -3.49 -12.67 2.30
N LEU B 211 -2.40 -13.21 1.74
CA LEU B 211 -2.42 -14.14 0.59
C LEU B 211 -2.11 -15.53 1.14
N VAL B 212 -2.98 -16.51 0.90
CA VAL B 212 -2.77 -17.91 1.34
C VAL B 212 -2.69 -18.80 0.09
N THR B 213 -1.97 -19.91 0.19
CA THR B 213 -1.73 -20.88 -0.90
C THR B 213 -1.11 -22.15 -0.33
N GLY B 214 -1.27 -23.28 -1.01
CA GLY B 214 -0.55 -24.53 -0.72
C GLY B 214 0.78 -24.60 -1.47
N ASN B 215 1.00 -23.69 -2.44
CA ASN B 215 2.15 -23.73 -3.37
C ASN B 215 3.28 -22.81 -2.86
N ALA B 216 4.40 -23.41 -2.47
CA ALA B 216 5.59 -22.72 -1.91
C ALA B 216 6.13 -21.67 -2.88
N GLU B 217 6.19 -21.97 -4.18
CA GLU B 217 6.74 -21.06 -5.22
C GLU B 217 5.82 -19.84 -5.37
N LEU B 218 4.50 -20.04 -5.38
CA LEU B 218 3.48 -18.96 -5.45
C LEU B 218 3.68 -18.04 -4.24
N ALA B 219 3.78 -18.60 -3.03
CA ALA B 219 3.99 -17.85 -1.78
C ALA B 219 5.28 -17.00 -1.90
N GLU B 220 6.36 -17.59 -2.41
CA GLU B 220 7.70 -16.91 -2.50
C GLU B 220 7.60 -15.74 -3.47
N SER B 221 6.89 -15.92 -4.59
CA SER B 221 6.63 -14.86 -5.59
C SER B 221 5.94 -13.67 -4.92
N VAL B 222 4.88 -13.91 -4.14
CA VAL B 222 4.10 -12.86 -3.44
C VAL B 222 5.00 -12.18 -2.41
N ARG B 223 5.81 -12.97 -1.69
CA ARG B 223 6.75 -12.50 -0.64
C ARG B 223 7.75 -11.48 -1.25
N ARG B 224 8.29 -11.77 -2.43
CA ARG B 224 9.21 -10.86 -3.16
C ARG B 224 8.42 -9.68 -3.73
N GLY B 225 7.27 -9.94 -4.37
CA GLY B 225 6.42 -8.92 -5.02
C GLY B 225 6.01 -7.81 -4.06
N ARG B 226 5.81 -8.14 -2.78
CA ARG B 226 5.28 -7.16 -1.78
C ARG B 226 6.39 -6.20 -1.32
N GLN B 227 7.66 -6.47 -1.66
CA GLN B 227 8.84 -5.75 -1.13
C GLN B 227 9.86 -5.52 -2.26
N PHE B 228 9.42 -4.93 -3.37
CA PHE B 228 10.26 -4.40 -4.47
C PHE B 228 11.01 -5.53 -5.20
N GLY B 229 10.58 -6.78 -5.04
CA GLY B 229 11.21 -7.96 -5.64
C GLY B 229 12.44 -8.46 -4.87
N GLU B 230 12.66 -7.96 -3.66
CA GLU B 230 13.83 -8.32 -2.81
C GLU B 230 13.52 -9.56 -1.96
N VAL B 231 14.58 -10.26 -1.53
CA VAL B 231 14.54 -11.33 -0.49
C VAL B 231 15.06 -10.73 0.81
N ILE B 232 14.19 -10.59 1.81
CA ILE B 232 14.52 -9.98 3.13
C ILE B 232 14.43 -11.06 4.21
N GLU B 233 15.58 -11.60 4.63
CA GLU B 233 15.73 -12.60 5.71
C GLU B 233 16.24 -11.89 6.97
N SER B 234 15.70 -12.25 8.15
CA SER B 234 16.01 -11.66 9.47
C SER B 234 17.48 -11.92 9.83
N GLY B 235 18.22 -10.88 10.23
CA GLY B 235 19.63 -10.96 10.65
C GLY B 235 20.60 -10.69 9.49
N ARG B 236 20.12 -10.80 8.24
CA ARG B 236 20.91 -10.55 7.01
C ARG B 236 20.85 -9.06 6.66
N GLU B 237 22.00 -8.45 6.35
CA GLU B 237 22.10 -7.02 5.95
C GLU B 237 21.50 -6.84 4.56
N ARG B 238 20.62 -5.85 4.38
CA ARG B 238 19.85 -5.60 3.13
C ARG B 238 20.81 -5.19 2.01
N ASP B 239 20.84 -5.96 0.93
CA ASP B 239 21.74 -5.76 -0.24
C ASP B 239 21.01 -5.02 -1.37
N TYR B 240 19.69 -4.82 -1.23
CA TYR B 240 18.80 -4.10 -2.18
C TYR B 240 18.79 -4.76 -3.56
N VAL B 241 19.13 -6.06 -3.63
CA VAL B 241 19.09 -6.87 -4.88
C VAL B 241 17.65 -7.30 -5.13
N SER B 242 17.05 -6.84 -6.23
CA SER B 242 15.65 -7.12 -6.64
C SER B 242 15.68 -8.18 -7.76
N TYR B 243 14.77 -9.17 -7.71
CA TYR B 243 14.79 -10.37 -8.58
C TYR B 243 13.64 -10.34 -9.60
N GLY B 244 12.92 -9.22 -9.70
CA GLY B 244 11.80 -9.05 -10.64
C GLY B 244 10.95 -7.84 -10.28
N LEU B 245 9.82 -7.64 -10.96
CA LEU B 245 8.91 -6.49 -10.72
C LEU B 245 8.24 -6.67 -9.36
N GLY B 246 8.43 -5.69 -8.47
CA GLY B 246 7.80 -5.64 -7.14
C GLY B 246 7.23 -4.27 -6.84
N TRP B 247 6.45 -4.19 -5.76
CA TRP B 247 5.78 -2.96 -5.28
C TRP B 247 6.13 -2.79 -3.80
N ASN B 248 5.68 -1.70 -3.18
CA ASN B 248 5.59 -1.62 -1.71
C ASN B 248 4.18 -2.05 -1.29
N HIS B 249 4.01 -3.34 -1.03
CA HIS B 249 2.75 -3.96 -0.53
C HIS B 249 2.98 -4.56 0.85
N LYS B 250 3.83 -3.93 1.67
CA LYS B 250 4.19 -4.47 3.01
C LYS B 250 3.08 -4.16 3.99
N MET B 251 2.75 -5.13 4.85
CA MET B 251 1.85 -4.93 6.02
C MET B 251 2.64 -4.21 7.12
N ASN B 252 1.96 -3.36 7.88
CA ASN B 252 2.48 -2.72 9.12
C ASN B 252 2.50 -3.75 10.26
N ALA B 253 3.59 -3.80 11.03
CA ALA B 253 3.74 -4.66 12.23
C ALA B 253 2.64 -4.35 13.26
N LEU B 254 2.31 -3.08 13.50
CA LEU B 254 1.31 -2.70 14.54
C LEU B 254 -0.05 -3.30 14.17
N GLN B 255 -0.45 -3.19 12.89
CA GLN B 255 -1.72 -3.74 12.36
C GLN B 255 -1.72 -5.28 12.51
N ALA B 256 -0.59 -5.93 12.23
CA ALA B 256 -0.43 -7.40 12.37
C ALA B 256 -0.64 -7.80 13.84
N ALA B 257 -0.01 -7.10 14.78
CA ALA B 257 -0.11 -7.34 16.23
C ALA B 257 -1.58 -7.23 16.68
N PHE B 258 -2.29 -6.21 16.19
CA PHE B 258 -3.71 -5.94 16.50
C PHE B 258 -4.57 -7.12 16.04
N THR B 259 -4.37 -7.61 14.81
CA THR B 259 -5.16 -8.73 14.24
C THR B 259 -4.85 -10.01 15.03
N SER B 260 -3.60 -10.21 15.45
CA SER B 260 -3.21 -11.38 16.29
C SER B 260 -4.04 -11.36 17.59
N ALA B 261 -4.23 -10.17 18.20
CA ALA B 261 -5.05 -10.00 19.42
C ALA B 261 -6.51 -10.33 19.10
N GLN B 262 -7.04 -9.79 17.99
CA GLN B 262 -8.43 -10.05 17.52
C GLN B 262 -8.66 -11.56 17.34
N LEU B 263 -7.67 -12.28 16.82
CA LEU B 263 -7.77 -13.74 16.53
C LEU B 263 -8.05 -14.52 17.82
N THR B 264 -7.55 -14.07 18.97
CA THR B 264 -7.69 -14.77 20.27
C THR B 264 -9.17 -14.77 20.72
N ARG B 265 -10.00 -13.86 20.18
CA ARG B 265 -11.45 -13.80 20.52
C ARG B 265 -12.32 -14.18 19.31
N PHE B 266 -11.73 -14.55 18.18
CA PHE B 266 -12.47 -14.83 16.92
C PHE B 266 -13.54 -15.90 17.18
N ASP B 267 -13.16 -17.04 17.75
CA ASP B 267 -14.06 -18.20 17.97
C ASP B 267 -15.28 -17.77 18.81
N ASP B 268 -15.06 -16.97 19.86
CA ASP B 268 -16.14 -16.45 20.74
C ASP B 268 -17.02 -15.45 19.97
N TYR B 269 -16.41 -14.50 19.26
CA TYR B 269 -17.12 -13.48 18.44
C TYR B 269 -17.93 -14.20 17.34
N GLU B 270 -17.32 -15.21 16.71
CA GLU B 270 -17.93 -15.98 15.59
C GLU B 270 -19.18 -16.72 16.08
N SER B 271 -19.10 -17.42 17.21
CA SER B 271 -20.24 -18.11 17.86
C SER B 271 -21.40 -17.13 18.07
N ALA B 272 -21.12 -15.96 18.65
CA ALA B 272 -22.12 -14.91 18.95
C ALA B 272 -22.79 -14.46 17.65
N ARG B 273 -21.99 -14.11 16.63
CA ARG B 273 -22.49 -13.66 15.30
C ARG B 273 -23.42 -14.72 14.70
N GLN B 274 -22.97 -15.99 14.68
CA GLN B 274 -23.73 -17.11 14.05
C GLN B 274 -25.10 -17.24 14.76
N ARG B 275 -25.09 -17.26 16.09
CA ARG B 275 -26.31 -17.36 16.93
C ARG B 275 -27.21 -16.15 16.67
N ASN B 276 -26.66 -14.93 16.76
CA ASN B 276 -27.41 -13.66 16.64
C ASN B 276 -28.00 -13.52 15.23
N VAL B 277 -27.21 -13.80 14.19
CA VAL B 277 -27.68 -13.66 12.78
C VAL B 277 -28.78 -14.71 12.51
N ALA B 278 -28.59 -15.95 12.96
CA ALA B 278 -29.57 -17.06 12.78
C ALA B 278 -30.93 -16.64 13.37
N ALA B 279 -30.94 -16.11 14.59
CA ALA B 279 -32.16 -15.68 15.32
C ALA B 279 -32.82 -14.51 14.60
N PHE B 280 -32.02 -13.55 14.13
CA PHE B 280 -32.47 -12.34 13.39
C PHE B 280 -33.15 -12.76 12.08
N LEU B 281 -32.48 -13.58 11.28
CA LEU B 281 -32.97 -14.00 9.94
C LEU B 281 -34.21 -14.89 10.08
N ALA B 282 -34.30 -15.69 11.15
CA ALA B 282 -35.44 -16.57 11.44
C ALA B 282 -36.73 -15.74 11.53
N ARG B 283 -36.67 -14.60 12.23
CA ARG B 283 -37.84 -13.68 12.38
C ARG B 283 -38.16 -13.01 11.05
N LEU B 284 -37.14 -12.50 10.33
CA LEU B 284 -37.34 -11.76 9.05
C LEU B 284 -37.86 -12.71 7.95
N ALA B 285 -37.48 -13.99 8.00
CA ALA B 285 -37.85 -15.01 6.98
C ALA B 285 -39.37 -15.21 6.95
N GLU B 286 -40.05 -14.95 8.07
CA GLU B 286 -41.53 -15.13 8.22
C GLU B 286 -42.28 -14.00 7.51
N LEU B 287 -41.62 -12.88 7.20
CA LEU B 287 -42.27 -11.70 6.55
C LEU B 287 -42.40 -11.96 5.06
N PRO B 288 -43.64 -11.92 4.50
CA PRO B 288 -43.86 -12.24 3.09
C PRO B 288 -43.24 -11.19 2.15
N GLY B 289 -42.53 -11.64 1.13
CA GLY B 289 -41.83 -10.78 0.16
C GLY B 289 -40.49 -10.30 0.68
N LEU B 290 -40.02 -10.88 1.80
CA LEU B 290 -38.65 -10.67 2.35
C LEU B 290 -37.88 -11.98 2.20
N ARG B 291 -36.82 -11.97 1.38
CA ARG B 291 -35.91 -13.13 1.22
C ARG B 291 -34.64 -12.86 2.03
N VAL B 292 -34.45 -13.60 3.12
CA VAL B 292 -33.22 -13.50 3.96
C VAL B 292 -32.08 -14.15 3.19
N PRO B 293 -30.83 -13.67 3.37
CA PRO B 293 -29.66 -14.30 2.76
C PRO B 293 -29.45 -15.70 3.34
N THR B 294 -28.91 -16.61 2.53
CA THR B 294 -28.69 -18.03 2.89
C THR B 294 -27.30 -18.47 2.46
N ALA B 295 -26.72 -19.42 3.20
CA ALA B 295 -25.59 -20.27 2.75
C ALA B 295 -26.14 -21.29 1.76
N ALA B 296 -25.45 -21.48 0.64
CA ALA B 296 -25.71 -22.61 -0.29
C ALA B 296 -25.51 -23.91 0.48
N PRO B 297 -26.13 -25.02 0.05
CA PRO B 297 -25.91 -26.32 0.68
C PRO B 297 -24.43 -26.69 0.82
N ASP B 298 -24.06 -27.29 1.96
CA ASP B 298 -22.70 -27.80 2.25
CA ASP B 298 -22.70 -27.79 2.29
C ASP B 298 -21.69 -26.64 2.20
N THR B 299 -22.10 -25.45 2.64
CA THR B 299 -21.22 -24.28 2.89
C THR B 299 -21.65 -23.66 4.22
N THR B 300 -20.77 -22.86 4.83
CA THR B 300 -21.12 -21.99 5.98
C THR B 300 -20.81 -20.54 5.59
N HIS B 301 -21.71 -19.64 6.00
CA HIS B 301 -21.70 -18.19 5.72
C HIS B 301 -20.94 -17.48 6.84
N ALA B 302 -20.15 -16.45 6.51
CA ALA B 302 -19.43 -15.58 7.47
C ALA B 302 -20.32 -14.41 7.90
N TRP B 303 -21.40 -14.13 7.17
CA TRP B 303 -22.41 -13.08 7.47
C TRP B 303 -21.73 -11.71 7.57
N HIS B 304 -20.75 -11.41 6.72
CA HIS B 304 -20.05 -10.10 6.73
C HIS B 304 -21.07 -9.00 6.42
N ILE B 305 -21.91 -9.22 5.40
CA ILE B 305 -23.00 -8.29 4.99
C ILE B 305 -24.27 -9.13 4.81
N LEU B 306 -25.40 -8.61 5.29
CA LEU B 306 -26.73 -9.26 5.13
C LEU B 306 -27.48 -8.55 4.01
N ARG B 307 -27.64 -9.20 2.86
CA ARG B 307 -28.42 -8.65 1.71
C ARG B 307 -29.79 -9.34 1.67
N PHE B 308 -30.84 -8.53 1.67
CA PHE B 308 -32.28 -8.94 1.62
C PHE B 308 -32.86 -8.53 0.27
N ARG B 309 -33.59 -9.43 -0.40
CA ARG B 309 -34.36 -9.12 -1.64
C ARG B 309 -35.83 -8.95 -1.25
N PHE B 310 -36.48 -7.92 -1.80
CA PHE B 310 -37.88 -7.54 -1.50
C PHE B 310 -38.73 -7.71 -2.76
N ASP B 311 -39.85 -8.45 -2.64
CA ASP B 311 -40.77 -8.79 -3.76
C ASP B 311 -41.98 -7.85 -3.72
N PRO B 312 -42.14 -6.94 -4.71
CA PRO B 312 -43.32 -6.08 -4.79
C PRO B 312 -44.65 -6.82 -4.75
N ALA B 313 -44.70 -8.04 -5.30
CA ALA B 313 -45.89 -8.91 -5.35
C ALA B 313 -46.51 -9.06 -3.96
N ALA B 314 -45.68 -9.11 -2.91
CA ALA B 314 -46.09 -9.32 -1.51
C ALA B 314 -46.86 -8.11 -0.96
N PHE B 315 -46.67 -6.93 -1.55
CA PHE B 315 -47.36 -5.66 -1.18
C PHE B 315 -48.33 -5.26 -2.31
N GLY B 316 -48.67 -6.20 -3.20
CA GLY B 316 -49.56 -5.99 -4.36
C GLY B 316 -49.11 -4.84 -5.25
N LEU B 317 -47.80 -4.54 -5.28
CA LEU B 317 -47.22 -3.41 -6.05
C LEU B 317 -46.77 -3.92 -7.43
N ASP B 318 -47.60 -4.76 -8.08
CA ASP B 318 -47.39 -5.29 -9.44
C ASP B 318 -47.52 -4.13 -10.43
N GLY B 319 -46.49 -3.91 -11.26
CA GLY B 319 -46.35 -2.74 -12.15
C GLY B 319 -45.34 -1.75 -11.61
N VAL B 320 -45.29 -1.57 -10.28
CA VAL B 320 -44.34 -0.66 -9.56
C VAL B 320 -42.93 -1.25 -9.64
N ARG B 321 -41.97 -0.47 -10.12
CA ARG B 321 -40.53 -0.86 -10.21
C ARG B 321 -40.04 -1.32 -8.84
N PRO B 322 -39.25 -2.42 -8.76
CA PRO B 322 -38.72 -2.88 -7.48
C PRO B 322 -37.94 -1.80 -6.70
N GLN B 323 -37.28 -0.88 -7.42
CA GLN B 323 -36.51 0.24 -6.83
C GLN B 323 -37.43 1.11 -5.96
N ALA B 324 -38.70 1.26 -6.35
CA ALA B 324 -39.71 2.07 -5.63
C ALA B 324 -39.98 1.45 -4.26
N LEU B 325 -40.16 0.13 -4.20
CA LEU B 325 -40.34 -0.63 -2.92
C LEU B 325 -39.07 -0.52 -2.10
N ARG B 326 -37.91 -0.71 -2.73
CA ARG B 326 -36.58 -0.61 -2.09
C ARG B 326 -36.48 0.73 -1.35
N SER B 327 -36.80 1.83 -2.04
CA SER B 327 -36.74 3.22 -1.51
C SER B 327 -37.69 3.36 -0.32
N ALA B 328 -38.94 2.92 -0.48
CA ALA B 328 -40.01 3.01 0.54
C ALA B 328 -39.57 2.27 1.81
N LEU B 329 -39.11 1.02 1.67
CA LEU B 329 -38.68 0.17 2.82
C LEU B 329 -37.47 0.79 3.50
N ARG B 330 -36.51 1.31 2.72
CA ARG B 330 -35.28 1.97 3.25
C ARG B 330 -35.70 3.14 4.15
N ARG B 331 -36.59 4.02 3.65
CA ARG B 331 -37.07 5.22 4.38
C ARG B 331 -37.72 4.77 5.70
N LEU B 332 -38.66 3.83 5.64
CA LEU B 332 -39.46 3.38 6.81
C LEU B 332 -38.54 2.69 7.83
N LEU B 333 -37.66 1.78 7.38
CA LEU B 333 -36.77 1.01 8.28
C LEU B 333 -35.75 1.95 8.94
N ARG B 334 -35.17 2.88 8.17
CA ARG B 334 -34.18 3.86 8.68
C ARG B 334 -34.84 4.75 9.74
N ALA B 335 -36.08 5.18 9.51
CA ALA B 335 -36.90 5.99 10.44
C ALA B 335 -37.06 5.24 11.79
N GLU B 336 -37.19 3.91 11.76
CA GLU B 336 -37.33 3.07 12.98
C GLU B 336 -35.96 2.89 13.66
N GLY B 337 -34.87 3.25 12.98
CA GLY B 337 -33.50 3.21 13.53
C GLY B 337 -32.69 2.04 13.01
N VAL B 338 -33.15 1.37 11.95
CA VAL B 338 -32.38 0.27 11.28
C VAL B 338 -31.57 0.89 10.14
N PRO B 339 -30.21 0.89 10.23
CA PRO B 339 -29.39 1.60 9.25
C PRO B 339 -29.23 0.79 7.94
N MET B 340 -30.36 0.55 7.25
CA MET B 340 -30.38 -0.22 5.99
C MET B 340 -29.68 0.62 4.91
N SER B 341 -28.81 -0.04 4.13
CA SER B 341 -27.97 0.59 3.09
C SER B 341 -28.16 -0.15 1.76
N GLN B 342 -27.54 0.35 0.71
CA GLN B 342 -27.16 -0.45 -0.48
C GLN B 342 -25.69 -0.84 -0.33
N TYR B 343 -25.27 -1.92 -0.99
CA TYR B 343 -23.85 -2.27 -1.19
C TYR B 343 -23.64 -2.52 -2.67
N GLN B 344 -23.08 -1.51 -3.36
CA GLN B 344 -22.94 -1.39 -4.84
C GLN B 344 -24.25 -0.83 -5.39
N LEU B 345 -24.18 0.29 -6.10
CA LEU B 345 -25.34 0.97 -6.74
C LEU B 345 -25.49 0.49 -8.18
N MET B 346 -24.46 -0.16 -8.72
CA MET B 346 -24.43 -0.63 -10.13
C MET B 346 -23.52 -1.86 -10.22
N PRO B 347 -23.75 -2.75 -11.21
CA PRO B 347 -22.78 -3.80 -11.53
C PRO B 347 -21.45 -3.16 -11.89
N LEU B 348 -20.34 -3.85 -11.62
CA LEU B 348 -18.97 -3.34 -11.90
C LEU B 348 -18.84 -2.94 -13.37
N PRO B 349 -19.37 -3.74 -14.35
CA PRO B 349 -19.31 -3.34 -15.76
C PRO B 349 -19.79 -1.92 -16.09
N ASP B 350 -20.69 -1.36 -15.29
CA ASP B 350 -21.23 0.02 -15.46
C ASP B 350 -20.26 1.07 -14.93
N GLN B 351 -19.26 0.68 -14.12
CA GLN B 351 -18.31 1.65 -13.49
C GLN B 351 -17.50 2.32 -14.60
N LYS B 352 -17.39 3.65 -14.53
CA LYS B 352 -16.72 4.51 -15.56
C LYS B 352 -15.37 3.91 -15.95
N VAL B 353 -14.59 3.42 -14.97
CA VAL B 353 -13.21 2.87 -15.21
C VAL B 353 -13.27 1.74 -16.23
N PHE B 354 -14.31 0.90 -16.19
CA PHE B 354 -14.45 -0.30 -17.07
C PHE B 354 -15.22 0.07 -18.35
N VAL B 355 -15.98 1.16 -18.33
CA VAL B 355 -16.71 1.68 -19.53
C VAL B 355 -15.72 2.43 -20.43
N ASP B 356 -14.98 3.39 -19.89
CA ASP B 356 -14.04 4.26 -20.64
C ASP B 356 -12.87 3.44 -21.18
N ARG B 357 -12.43 2.41 -20.44
CA ARG B 357 -11.30 1.52 -20.83
C ARG B 357 -10.07 2.36 -21.22
N VAL B 358 -9.76 3.38 -20.41
CA VAL B 358 -8.51 4.19 -20.53
C VAL B 358 -7.40 3.47 -19.75
N GLY B 359 -7.70 3.00 -18.54
CA GLY B 359 -6.73 2.32 -17.65
C GLY B 359 -5.54 3.21 -17.33
N PHE B 360 -4.32 2.70 -17.56
CA PHE B 360 -3.03 3.40 -17.30
C PHE B 360 -2.85 4.56 -18.28
N GLY B 361 -3.62 4.56 -19.39
CA GLY B 361 -3.49 5.49 -20.51
C GLY B 361 -3.43 4.72 -21.82
N GLY B 362 -3.87 5.35 -22.91
CA GLY B 362 -3.84 4.76 -24.26
C GLY B 362 -4.63 3.46 -24.34
N GLY B 363 -5.57 3.24 -23.42
CA GLY B 363 -6.48 2.07 -23.40
C GLY B 363 -5.85 0.81 -22.80
N TYR B 364 -4.61 0.88 -22.29
CA TYR B 364 -3.95 -0.29 -21.65
C TYR B 364 -4.60 -0.51 -20.28
N PRO B 365 -4.97 -1.76 -19.89
CA PRO B 365 -4.56 -2.99 -20.58
C PRO B 365 -5.38 -3.50 -21.77
N TRP B 366 -6.55 -2.91 -22.04
CA TRP B 366 -7.50 -3.36 -23.10
C TRP B 366 -6.83 -3.32 -24.47
N THR B 367 -5.94 -2.36 -24.71
CA THR B 367 -5.24 -2.16 -26.01
C THR B 367 -4.54 -3.46 -26.42
N VAL B 368 -3.98 -4.24 -25.47
CA VAL B 368 -3.21 -5.48 -25.79
C VAL B 368 -4.15 -6.49 -26.46
N THR B 369 -5.36 -6.69 -25.93
CA THR B 369 -6.33 -7.71 -26.40
C THR B 369 -7.16 -7.18 -27.57
N GLY B 370 -7.15 -5.85 -27.79
CA GLY B 370 -7.99 -5.17 -28.80
C GLY B 370 -9.43 -5.05 -28.34
N ALA B 371 -9.67 -4.99 -27.03
CA ALA B 371 -11.01 -4.81 -26.41
C ALA B 371 -11.24 -3.31 -26.14
N THR B 372 -10.99 -2.47 -27.15
CA THR B 372 -11.15 -0.99 -27.10
C THR B 372 -12.63 -0.62 -27.21
N GLY B 373 -13.33 -1.23 -28.18
CA GLY B 373 -14.77 -0.99 -28.46
C GLY B 373 -15.67 -1.51 -27.35
N PRO B 374 -17.00 -1.63 -27.59
CA PRO B 374 -17.95 -2.02 -26.54
C PRO B 374 -17.70 -3.43 -26.01
N ALA B 375 -17.97 -3.64 -24.71
CA ALA B 375 -17.71 -4.91 -23.98
C ALA B 375 -18.30 -6.09 -24.76
N ALA B 376 -17.51 -7.16 -24.94
CA ALA B 376 -17.93 -8.42 -25.58
C ALA B 376 -18.92 -9.14 -24.67
N GLY B 377 -19.82 -9.95 -25.26
CA GLY B 377 -20.75 -10.83 -24.53
C GLY B 377 -21.98 -10.09 -24.05
N GLU B 378 -22.79 -10.76 -23.23
CA GLU B 378 -24.15 -10.32 -22.82
C GLU B 378 -24.08 -9.28 -21.69
N ASP B 379 -25.23 -8.65 -21.44
CA ASP B 379 -25.53 -7.82 -20.23
C ASP B 379 -25.49 -8.73 -19.00
N HIS B 380 -25.76 -8.16 -17.82
CA HIS B 380 -25.72 -8.84 -16.50
C HIS B 380 -27.05 -8.60 -15.79
N PRO B 381 -28.17 -9.17 -16.30
CA PRO B 381 -29.50 -8.88 -15.77
C PRO B 381 -29.71 -9.31 -14.31
N VAL B 382 -29.03 -10.36 -13.84
CA VAL B 382 -29.21 -10.87 -12.45
C VAL B 382 -28.59 -9.85 -11.48
N ALA B 383 -27.36 -9.43 -11.72
CA ALA B 383 -26.67 -8.37 -10.92
C ALA B 383 -27.57 -7.14 -10.84
N ARG B 384 -28.15 -6.71 -11.95
CA ARG B 384 -29.03 -5.50 -12.02
C ARG B 384 -30.30 -5.74 -11.20
N ALA B 385 -30.93 -6.90 -11.35
CA ALA B 385 -32.18 -7.29 -10.64
C ALA B 385 -31.92 -7.30 -9.13
N VAL B 386 -30.80 -7.87 -8.69
CA VAL B 386 -30.43 -7.98 -7.25
C VAL B 386 -30.27 -6.57 -6.68
N ILE B 387 -29.54 -5.70 -7.37
CA ILE B 387 -29.33 -4.29 -6.93
C ILE B 387 -30.69 -3.58 -6.88
N ALA B 388 -31.57 -3.84 -7.86
CA ALA B 388 -32.87 -3.15 -8.03
C ALA B 388 -33.77 -3.36 -6.80
N ASP B 389 -33.74 -4.54 -6.15
CA ASP B 389 -34.76 -4.92 -5.15
C ASP B 389 -34.13 -5.28 -3.79
N SER B 390 -32.87 -4.95 -3.53
CA SER B 390 -32.16 -5.39 -2.30
C SER B 390 -31.70 -4.19 -1.45
N LEU B 391 -31.72 -4.38 -0.13
CA LEU B 391 -31.04 -3.53 0.87
C LEU B 391 -30.11 -4.42 1.69
N THR B 392 -29.09 -3.83 2.29
CA THR B 392 -28.06 -4.54 3.08
C THR B 392 -28.04 -3.97 4.51
N LEU B 393 -27.69 -4.82 5.47
CA LEU B 393 -27.21 -4.40 6.81
C LEU B 393 -25.70 -4.63 6.84
N GLN B 394 -24.94 -3.59 7.19
CA GLN B 394 -23.46 -3.63 7.33
C GLN B 394 -23.11 -3.33 8.79
N LYS B 395 -22.05 -3.97 9.29
CA LYS B 395 -21.31 -3.65 10.53
C LYS B 395 -22.04 -4.10 11.81
N ARG B 396 -23.28 -3.66 12.02
CA ARG B 396 -23.93 -3.68 13.36
C ARG B 396 -24.05 -5.11 13.89
N HIS B 397 -24.29 -6.09 13.00
CA HIS B 397 -24.51 -7.52 13.33
C HIS B 397 -23.19 -8.25 13.61
N LEU B 398 -22.03 -7.60 13.40
CA LEU B 398 -20.70 -8.24 13.54
C LEU B 398 -20.26 -8.27 15.01
N HIS B 399 -20.78 -7.35 15.83
CA HIS B 399 -20.41 -7.19 17.25
C HIS B 399 -21.03 -8.33 18.07
N PRO B 400 -20.26 -9.04 18.93
CA PRO B 400 -20.78 -10.19 19.66
C PRO B 400 -21.93 -9.86 20.64
N GLU B 401 -22.14 -8.58 20.98
CA GLU B 401 -23.17 -8.13 21.96
C GLU B 401 -24.36 -7.48 21.24
N SER B 402 -24.47 -7.64 19.91
CA SER B 402 -25.56 -7.02 19.10
C SER B 402 -26.84 -7.86 19.12
N GLY B 403 -26.90 -8.92 19.94
CA GLY B 403 -28.09 -9.78 20.07
C GLY B 403 -29.36 -8.96 20.28
N GLU B 404 -29.36 -8.10 21.31
CA GLU B 404 -30.53 -7.26 21.68
C GLU B 404 -30.84 -6.26 20.56
N LEU B 405 -29.80 -5.69 19.94
CA LEU B 405 -29.97 -4.69 18.84
C LEU B 405 -30.68 -5.34 17.66
N LEU B 406 -30.28 -6.56 17.28
CA LEU B 406 -30.89 -7.30 16.14
C LEU B 406 -32.32 -7.69 16.49
N HIS B 407 -32.61 -7.93 17.78
CA HIS B 407 -33.99 -8.14 18.30
C HIS B 407 -34.84 -6.92 17.98
N LEU B 408 -34.32 -5.71 18.23
CA LEU B 408 -35.03 -4.43 17.97
C LEU B 408 -35.16 -4.20 16.46
N TYR B 409 -34.14 -4.56 15.67
CA TYR B 409 -34.19 -4.50 14.19
C TYR B 409 -35.39 -5.34 13.70
N ALA B 410 -35.52 -6.56 14.21
CA ALA B 410 -36.61 -7.51 13.87
C ALA B 410 -37.96 -6.90 14.27
N ASP B 411 -38.03 -6.25 15.44
CA ASP B 411 -39.22 -5.47 15.88
C ASP B 411 -39.56 -4.45 14.79
N ALA B 412 -38.56 -3.71 14.30
CA ALA B 412 -38.71 -2.65 13.27
C ALA B 412 -39.25 -3.26 11.97
N PHE B 413 -38.66 -4.37 11.52
CA PHE B 413 -39.07 -5.09 10.28
C PHE B 413 -40.54 -5.52 10.41
N GLU B 414 -40.88 -6.21 11.50
CA GLU B 414 -42.25 -6.71 11.78
C GLU B 414 -43.23 -5.52 11.81
N LYS B 415 -42.81 -4.39 12.40
CA LYS B 415 -43.63 -3.15 12.51
C LYS B 415 -43.90 -2.58 11.12
N VAL B 416 -42.88 -2.49 10.27
CA VAL B 416 -43.01 -1.97 8.87
C VAL B 416 -43.96 -2.88 8.10
N TRP B 417 -43.84 -4.20 8.27
CA TRP B 417 -44.66 -5.22 7.55
C TRP B 417 -46.11 -5.22 8.06
N ALA B 418 -46.36 -4.69 9.26
CA ALA B 418 -47.70 -4.54 9.86
C ALA B 418 -48.41 -3.30 9.27
N ASN B 419 -47.73 -2.51 8.43
CA ASN B 419 -48.30 -1.31 7.75
C ASN B 419 -48.12 -1.44 6.23
N PRO B 420 -48.62 -2.52 5.60
CA PRO B 420 -48.40 -2.74 4.17
C PRO B 420 -49.06 -1.69 3.26
N ASP B 421 -50.17 -1.08 3.70
CA ASP B 421 -50.86 0.01 2.97
C ASP B 421 -49.90 1.20 2.81
N MET B 422 -49.21 1.57 3.90
CA MET B 422 -48.27 2.72 3.92
C MET B 422 -47.06 2.39 3.02
N VAL B 423 -46.54 1.16 3.10
CA VAL B 423 -45.43 0.67 2.23
C VAL B 423 -45.85 0.86 0.77
N ALA B 424 -47.03 0.35 0.41
CA ALA B 424 -47.60 0.39 -0.94
C ALA B 424 -47.78 1.86 -1.39
N THR B 425 -48.25 2.73 -0.49
CA THR B 425 -48.49 4.17 -0.74
C THR B 425 -47.16 4.85 -1.13
N LEU B 426 -46.11 4.65 -0.33
CA LEU B 426 -44.76 5.25 -0.55
C LEU B 426 -44.14 4.68 -1.83
N ALA B 427 -44.31 3.37 -2.08
CA ALA B 427 -43.71 2.63 -3.21
C ALA B 427 -44.34 3.07 -4.53
#